data_1OGE
#
_entry.id   1OGE
#
_cell.length_a   123.807
_cell.length_b   108.556
_cell.length_c   83.532
_cell.angle_alpha   90.00
_cell.angle_beta   128.72
_cell.angle_gamma   90.00
#
_symmetry.space_group_name_H-M   'C 1 2 1'
#
loop_
_entity.id
_entity.type
_entity.pdbx_description
1 polymer 'HIGH AFFINITY RIBOSE TRANSPORT PROTEIN RBSD'
2 non-polymer 'CHLORIDE ION'
3 non-polymer 5-O-phosphono-beta-D-ribofuranose
4 water water
#
_entity_poly.entity_id   1
_entity_poly.type   'polypeptide(L)'
_entity_poly.pdbx_seq_one_letter_code
;MKKHGILNSHLAKILADLGHTDKIVIADAGLPVPDGVLKIDLSLKPGLPAFQDTAAVLAEEMAVEKVIAAAEIKASNQEN
AKFLENLFSEQEIEYLSHEEFKLLTKDAKAVIRTGEFTPYANCILQAGVLF
;
_entity_poly.pdbx_strand_id   A,B,C,D,E
#
loop_
_chem_comp.id
_chem_comp.type
_chem_comp.name
_chem_comp.formula
CL non-polymer 'CHLORIDE ION' 'Cl -1'
RP5 D-saccharide, beta linking 5-O-phosphono-beta-D-ribofuranose 'C5 H11 O8 P'
#
# COMPACT_ATOMS: atom_id res chain seq x y z
N MET A 1 -36.96 -5.06 -5.28
CA MET A 1 -36.17 -3.95 -5.89
C MET A 1 -36.20 -2.70 -5.02
N LYS A 2 -35.15 -1.89 -5.16
CA LYS A 2 -35.01 -0.64 -4.43
C LYS A 2 -36.07 0.32 -4.95
N LYS A 3 -36.88 0.88 -4.04
CA LYS A 3 -37.94 1.80 -4.43
C LYS A 3 -37.49 3.19 -4.82
N HIS A 4 -36.64 3.81 -4.00
CA HIS A 4 -36.19 5.17 -4.25
C HIS A 4 -34.70 5.32 -4.56
N GLY A 5 -34.32 6.52 -4.99
CA GLY A 5 -32.94 6.81 -5.30
C GLY A 5 -32.53 6.49 -6.72
N ILE A 6 -31.25 6.67 -7.00
CA ILE A 6 -30.69 6.43 -8.32
C ILE A 6 -30.80 4.95 -8.70
N LEU A 7 -31.09 4.70 -9.98
CA LEU A 7 -31.27 3.36 -10.51
C LEU A 7 -30.00 2.52 -10.66
N ASN A 8 -28.91 3.16 -11.09
CA ASN A 8 -27.65 2.44 -11.27
C ASN A 8 -27.10 1.94 -9.95
N SER A 9 -26.91 0.63 -9.87
CA SER A 9 -26.41 0.01 -8.65
C SER A 9 -25.00 0.46 -8.25
N HIS A 10 -24.10 0.59 -9.22
CA HIS A 10 -22.73 1.02 -8.90
C HIS A 10 -22.79 2.43 -8.29
N LEU A 11 -23.56 3.32 -8.92
CA LEU A 11 -23.67 4.70 -8.42
C LEU A 11 -24.33 4.80 -7.05
N ALA A 12 -25.34 3.95 -6.83
CA ALA A 12 -26.03 3.95 -5.54
C ALA A 12 -25.04 3.69 -4.41
N LYS A 13 -24.14 2.73 -4.64
CA LYS A 13 -23.15 2.38 -3.62
C LYS A 13 -22.22 3.54 -3.32
N ILE A 14 -21.87 4.30 -4.35
CA ILE A 14 -21.00 5.44 -4.16
C ILE A 14 -21.73 6.57 -3.43
N LEU A 15 -22.99 6.85 -3.82
CA LEU A 15 -23.74 7.92 -3.17
C LEU A 15 -23.97 7.60 -1.70
N ALA A 16 -24.20 6.34 -1.40
CA ALA A 16 -24.46 5.89 -0.04
C ALA A 16 -23.34 6.25 0.95
N ASP A 17 -22.10 6.27 0.49
CA ASP A 17 -20.99 6.58 1.39
C ASP A 17 -20.56 8.04 1.41
N LEU A 18 -21.17 8.86 0.56
CA LEU A 18 -20.80 10.26 0.52
C LEU A 18 -20.98 10.99 1.85
N GLY A 19 -19.97 11.77 2.19
CA GLY A 19 -19.99 12.55 3.41
C GLY A 19 -19.84 13.98 2.95
N HIS A 20 -19.98 14.94 3.85
CA HIS A 20 -19.85 16.33 3.49
C HIS A 20 -18.46 16.62 2.93
N THR A 21 -18.43 17.21 1.72
CA THR A 21 -17.20 17.57 0.99
C THR A 21 -16.60 16.49 0.10
N ASP A 22 -17.04 15.24 0.22
CA ASP A 22 -16.52 14.19 -0.65
C ASP A 22 -16.81 14.61 -2.08
N LYS A 23 -15.97 14.15 -3.00
CA LYS A 23 -16.14 14.51 -4.40
C LYS A 23 -16.26 13.33 -5.35
N ILE A 24 -17.02 13.53 -6.42
CA ILE A 24 -17.16 12.53 -7.48
C ILE A 24 -16.97 13.29 -8.78
N VAL A 25 -16.53 12.58 -9.82
CA VAL A 25 -16.28 13.22 -11.11
C VAL A 25 -17.14 12.63 -12.23
N ILE A 26 -17.58 13.50 -13.14
CA ILE A 26 -18.36 13.09 -14.30
C ILE A 26 -17.42 13.45 -15.41
N ALA A 27 -17.02 12.46 -16.20
CA ALA A 27 -16.06 12.70 -17.25
C ALA A 27 -16.54 12.40 -18.65
N ASP A 28 -15.86 13.00 -19.62
CA ASP A 28 -16.16 12.75 -21.01
C ASP A 28 -15.40 11.45 -21.30
N ALA A 29 -15.51 10.93 -22.52
CA ALA A 29 -14.86 9.67 -22.86
C ALA A 29 -13.32 9.68 -22.86
N GLY A 30 -12.71 10.86 -22.77
CA GLY A 30 -11.26 10.92 -22.81
C GLY A 30 -10.50 11.21 -21.53
N LEU A 31 -11.18 11.70 -20.50
CA LEU A 31 -10.51 12.01 -19.25
C LEU A 31 -9.80 10.81 -18.64
N PRO A 32 -8.49 10.94 -18.33
CA PRO A 32 -7.74 9.84 -17.72
C PRO A 32 -8.16 9.73 -16.25
N VAL A 33 -8.12 8.51 -15.71
CA VAL A 33 -8.50 8.27 -14.32
C VAL A 33 -7.25 7.98 -13.49
N PRO A 34 -7.01 8.76 -12.43
CA PRO A 34 -5.83 8.54 -11.57
C PRO A 34 -5.84 7.14 -10.99
N ASP A 35 -4.66 6.63 -10.62
CA ASP A 35 -4.57 5.30 -10.03
C ASP A 35 -5.20 5.31 -8.65
N GLY A 36 -5.88 4.22 -8.31
CA GLY A 36 -6.52 4.14 -7.01
C GLY A 36 -7.93 4.72 -6.97
N VAL A 37 -8.37 5.32 -8.06
CA VAL A 37 -9.71 5.90 -8.10
C VAL A 37 -10.67 4.99 -8.86
N LEU A 38 -11.80 4.68 -8.23
CA LEU A 38 -12.81 3.83 -8.83
C LEU A 38 -13.40 4.45 -10.09
N LYS A 39 -13.50 3.65 -11.13
CA LYS A 39 -14.06 4.11 -12.40
C LYS A 39 -15.34 3.35 -12.71
N ILE A 40 -16.44 4.08 -12.89
CA ILE A 40 -17.71 3.46 -13.24
C ILE A 40 -18.00 3.99 -14.64
N ASP A 41 -17.92 3.10 -15.63
CA ASP A 41 -18.12 3.47 -17.03
C ASP A 41 -19.55 3.17 -17.50
N LEU A 42 -20.29 4.23 -17.84
CA LEU A 42 -21.67 4.09 -18.29
C LEU A 42 -21.78 4.22 -19.81
N SER A 43 -20.68 4.58 -20.45
CA SER A 43 -20.67 4.75 -21.90
C SER A 43 -21.19 3.53 -22.65
N LEU A 44 -21.88 3.77 -23.75
CA LEU A 44 -22.43 2.71 -24.59
C LEU A 44 -21.89 2.88 -26.00
N LYS A 45 -21.93 4.12 -26.48
CA LYS A 45 -21.45 4.47 -27.81
C LYS A 45 -21.22 5.98 -27.76
N PRO A 46 -20.50 6.54 -28.75
CA PRO A 46 -20.26 7.98 -28.74
C PRO A 46 -21.52 8.81 -28.56
N GLY A 47 -21.55 9.63 -27.52
CA GLY A 47 -22.71 10.46 -27.25
C GLY A 47 -23.79 9.83 -26.41
N LEU A 48 -23.56 8.62 -25.90
CA LEU A 48 -24.54 7.93 -25.08
C LEU A 48 -23.88 7.16 -23.94
N PRO A 49 -24.14 7.56 -22.68
CA PRO A 49 -25.00 8.67 -22.27
C PRO A 49 -24.28 9.99 -22.50
N ALA A 50 -25.04 11.08 -22.46
CA ALA A 50 -24.48 12.40 -22.67
C ALA A 50 -24.09 13.03 -21.33
N PHE A 51 -23.07 13.88 -21.37
CA PHE A 51 -22.60 14.57 -20.17
C PHE A 51 -23.78 15.22 -19.47
N GLN A 52 -24.62 15.90 -20.25
CA GLN A 52 -25.79 16.60 -19.71
C GLN A 52 -26.79 15.69 -19.01
N ASP A 53 -27.13 14.57 -19.65
CA ASP A 53 -28.08 13.64 -19.05
C ASP A 53 -27.55 13.03 -17.76
N THR A 54 -26.25 12.76 -17.72
CA THR A 54 -25.65 12.17 -16.54
C THR A 54 -25.61 13.17 -15.38
N ALA A 55 -25.15 14.39 -15.68
CA ALA A 55 -25.07 15.43 -14.66
C ALA A 55 -26.46 15.73 -14.09
N ALA A 56 -27.47 15.68 -14.94
CA ALA A 56 -28.85 15.95 -14.54
C ALA A 56 -29.36 14.91 -13.55
N VAL A 57 -29.09 13.64 -13.81
CA VAL A 57 -29.53 12.58 -12.93
C VAL A 57 -28.84 12.72 -11.57
N LEU A 58 -27.53 12.94 -11.60
CA LEU A 58 -26.78 13.08 -10.36
C LEU A 58 -27.25 14.28 -9.53
N ALA A 59 -27.58 15.37 -10.22
CA ALA A 59 -28.03 16.57 -9.54
C ALA A 59 -29.29 16.32 -8.69
N GLU A 60 -30.18 15.46 -9.17
CA GLU A 60 -31.39 15.18 -8.43
C GLU A 60 -31.29 14.05 -7.40
N GLU A 61 -30.16 13.34 -7.37
CA GLU A 61 -30.00 12.25 -6.41
C GLU A 61 -28.95 12.55 -5.37
N MET A 62 -28.19 13.62 -5.59
CA MET A 62 -27.12 14.01 -4.70
C MET A 62 -27.19 15.47 -4.30
N ALA A 63 -26.83 15.76 -3.05
CA ALA A 63 -26.80 17.12 -2.55
C ALA A 63 -25.44 17.74 -2.88
N VAL A 64 -25.43 18.64 -3.85
CA VAL A 64 -24.20 19.31 -4.28
C VAL A 64 -24.06 20.71 -3.70
N GLU A 65 -22.93 21.00 -3.06
CA GLU A 65 -22.72 22.34 -2.51
C GLU A 65 -21.72 23.13 -3.32
N LYS A 66 -21.07 22.47 -4.28
CA LYS A 66 -20.06 23.15 -5.10
C LYS A 66 -19.72 22.32 -6.34
N VAL A 67 -19.57 23.01 -7.47
CA VAL A 67 -19.22 22.35 -8.72
C VAL A 67 -17.91 22.96 -9.20
N ILE A 68 -17.03 22.12 -9.71
CA ILE A 68 -15.73 22.56 -10.19
C ILE A 68 -15.53 22.08 -11.61
N ALA A 69 -15.19 22.99 -12.52
CA ALA A 69 -14.96 22.63 -13.91
C ALA A 69 -13.67 23.29 -14.41
N ALA A 70 -13.25 22.93 -15.62
CA ALA A 70 -12.05 23.52 -16.20
C ALA A 70 -12.46 24.76 -16.99
N ALA A 71 -11.69 25.85 -16.84
CA ALA A 71 -11.98 27.09 -17.54
C ALA A 71 -12.14 26.88 -19.04
N GLU A 72 -11.26 26.07 -19.61
CA GLU A 72 -11.30 25.78 -21.04
C GLU A 72 -12.69 25.40 -21.54
N ILE A 73 -13.54 24.92 -20.65
CA ILE A 73 -14.88 24.52 -21.06
C ILE A 73 -15.68 25.71 -21.60
N LYS A 74 -15.55 26.86 -20.94
CA LYS A 74 -16.26 28.07 -21.33
C LYS A 74 -16.03 28.43 -22.81
N ALA A 75 -14.80 28.24 -23.28
CA ALA A 75 -14.46 28.56 -24.66
C ALA A 75 -14.64 27.39 -25.61
N SER A 76 -14.01 26.27 -25.29
CA SER A 76 -14.07 25.07 -26.13
C SER A 76 -15.41 24.35 -26.13
N ASN A 77 -16.20 24.52 -25.08
CA ASN A 77 -17.50 23.83 -25.00
C ASN A 77 -18.56 24.72 -24.40
N GLN A 78 -19.02 25.70 -25.17
CA GLN A 78 -20.02 26.66 -24.73
C GLN A 78 -21.37 26.07 -24.36
N GLU A 79 -21.83 25.08 -25.11
CA GLU A 79 -23.13 24.49 -24.84
C GLU A 79 -23.19 23.77 -23.49
N ASN A 80 -22.19 22.95 -23.19
CA ASN A 80 -22.16 22.23 -21.92
C ASN A 80 -21.80 23.13 -20.75
N ALA A 81 -20.99 24.16 -21.00
CA ALA A 81 -20.58 25.09 -19.95
C ALA A 81 -21.80 25.89 -19.48
N LYS A 82 -22.69 26.19 -20.42
CA LYS A 82 -23.90 26.94 -20.09
C LYS A 82 -24.85 26.03 -19.32
N PHE A 83 -24.94 24.78 -19.77
CA PHE A 83 -25.78 23.78 -19.13
C PHE A 83 -25.50 23.73 -17.63
N LEU A 84 -24.21 23.66 -17.29
CA LEU A 84 -23.79 23.60 -15.89
C LEU A 84 -24.26 24.82 -15.11
N GLU A 85 -24.02 26.00 -15.66
CA GLU A 85 -24.42 27.25 -15.02
C GLU A 85 -25.91 27.19 -14.71
N ASN A 86 -26.70 26.80 -15.71
CA ASN A 86 -28.15 26.69 -15.58
C ASN A 86 -28.55 25.67 -14.52
N LEU A 87 -28.02 24.46 -14.63
CA LEU A 87 -28.34 23.37 -13.70
C LEU A 87 -27.95 23.65 -12.25
N PHE A 88 -26.76 24.18 -12.03
CA PHE A 88 -26.31 24.47 -10.67
C PHE A 88 -26.35 25.97 -10.35
N SER A 89 -27.56 26.52 -10.41
CA SER A 89 -27.79 27.93 -10.14
C SER A 89 -27.39 28.34 -8.74
N GLU A 90 -27.97 27.68 -7.74
CA GLU A 90 -27.70 27.98 -6.33
C GLU A 90 -26.37 27.46 -5.80
N GLN A 91 -25.65 26.69 -6.62
CA GLN A 91 -24.37 26.15 -6.18
C GLN A 91 -23.19 27.03 -6.59
N GLU A 92 -22.14 26.99 -5.79
CA GLU A 92 -20.93 27.75 -6.06
C GLU A 92 -20.17 27.04 -7.19
N ILE A 93 -19.93 27.74 -8.30
CA ILE A 93 -19.21 27.15 -9.42
C ILE A 93 -17.82 27.74 -9.55
N GLU A 94 -16.82 26.91 -9.28
CA GLU A 94 -15.43 27.32 -9.35
C GLU A 94 -14.77 26.80 -10.63
N TYR A 95 -13.96 27.65 -11.26
CA TYR A 95 -13.26 27.27 -12.49
C TYR A 95 -11.75 27.22 -12.27
N LEU A 96 -11.12 26.22 -12.86
CA LEU A 96 -9.69 26.04 -12.75
C LEU A 96 -9.16 25.63 -14.11
N SER A 97 -7.85 25.64 -14.26
CA SER A 97 -7.24 25.24 -15.51
C SER A 97 -7.39 23.72 -15.56
N HIS A 98 -7.55 23.19 -16.77
CA HIS A 98 -7.71 21.74 -16.93
C HIS A 98 -6.63 20.99 -16.17
N GLU A 99 -5.43 21.56 -16.10
CA GLU A 99 -4.32 20.93 -15.41
C GLU A 99 -4.56 20.78 -13.91
N GLU A 100 -5.01 21.85 -13.27
CA GLU A 100 -5.28 21.79 -11.84
C GLU A 100 -6.48 20.86 -11.63
N PHE A 101 -7.42 20.90 -12.57
CA PHE A 101 -8.61 20.07 -12.52
C PHE A 101 -8.23 18.59 -12.37
N LYS A 102 -7.36 18.11 -13.25
CA LYS A 102 -6.92 16.72 -13.22
C LYS A 102 -6.25 16.34 -11.90
N LEU A 103 -5.55 17.30 -11.30
CA LEU A 103 -4.89 17.05 -10.02
C LEU A 103 -5.94 16.78 -8.94
N LEU A 104 -7.05 17.51 -9.01
CA LEU A 104 -8.12 17.35 -8.04
C LEU A 104 -8.83 16.01 -8.13
N THR A 105 -8.92 15.45 -9.34
CA THR A 105 -9.59 14.17 -9.52
C THR A 105 -8.95 13.03 -8.72
N LYS A 106 -7.71 13.22 -8.29
CA LYS A 106 -7.01 12.19 -7.52
C LYS A 106 -7.66 11.96 -6.15
N ASP A 107 -8.40 12.97 -5.67
CA ASP A 107 -9.08 12.87 -4.38
C ASP A 107 -10.53 12.47 -4.50
N ALA A 108 -10.99 12.22 -5.72
CA ALA A 108 -12.37 11.84 -5.96
C ALA A 108 -12.66 10.40 -5.52
N LYS A 109 -13.88 10.16 -5.05
CA LYS A 109 -14.31 8.85 -4.61
C LYS A 109 -14.56 7.95 -5.82
N ALA A 110 -14.77 8.57 -6.97
CA ALA A 110 -15.01 7.81 -8.19
C ALA A 110 -15.11 8.73 -9.39
N VAL A 111 -14.92 8.15 -10.56
CA VAL A 111 -15.02 8.89 -11.81
C VAL A 111 -16.09 8.17 -12.60
N ILE A 112 -17.07 8.94 -13.08
CA ILE A 112 -18.16 8.39 -13.87
C ILE A 112 -17.86 8.76 -15.31
N ARG A 113 -17.63 7.75 -16.14
CA ARG A 113 -17.31 7.98 -17.53
C ARG A 113 -18.58 7.96 -18.37
N THR A 114 -18.84 9.06 -19.08
CA THR A 114 -20.01 9.14 -19.96
C THR A 114 -19.53 8.89 -21.38
N GLY A 115 -20.43 8.92 -22.35
CA GLY A 115 -20.04 8.71 -23.72
C GLY A 115 -19.81 10.03 -24.43
N GLU A 116 -19.71 11.10 -23.64
CA GLU A 116 -19.50 12.45 -24.18
C GLU A 116 -18.21 12.57 -24.98
N PHE A 117 -18.35 12.95 -26.25
CA PHE A 117 -17.20 13.14 -27.14
C PHE A 117 -16.93 14.60 -27.44
N THR A 118 -16.97 15.45 -26.43
CA THR A 118 -16.67 16.86 -26.61
C THR A 118 -15.63 17.31 -25.60
N PRO A 119 -14.76 18.25 -26.00
CA PRO A 119 -13.67 18.81 -25.19
C PRO A 119 -14.08 19.38 -23.83
N TYR A 120 -13.27 19.03 -22.82
CA TYR A 120 -13.45 19.51 -21.46
C TYR A 120 -14.83 19.35 -20.84
N ALA A 121 -15.56 18.33 -21.29
CA ALA A 121 -16.88 18.07 -20.74
C ALA A 121 -16.69 17.21 -19.49
N ASN A 122 -16.13 17.84 -18.45
CA ASN A 122 -15.87 17.16 -17.18
C ASN A 122 -16.18 18.10 -16.02
N CYS A 123 -16.58 17.54 -14.88
CA CYS A 123 -16.85 18.36 -13.71
C CYS A 123 -16.79 17.55 -12.43
N ILE A 124 -16.46 18.22 -11.34
CA ILE A 124 -16.36 17.61 -10.02
C ILE A 124 -17.52 18.10 -9.17
N LEU A 125 -18.32 17.18 -8.64
CA LEU A 125 -19.43 17.56 -7.76
C LEU A 125 -19.01 17.34 -6.32
N GLN A 126 -19.06 18.39 -5.51
CA GLN A 126 -18.69 18.28 -4.12
C GLN A 126 -19.93 18.15 -3.24
N ALA A 127 -20.02 17.03 -2.52
CA ALA A 127 -21.15 16.72 -1.66
C ALA A 127 -21.44 17.72 -0.54
N GLY A 128 -22.72 18.10 -0.42
CA GLY A 128 -23.11 19.01 0.63
C GLY A 128 -23.63 18.20 1.80
N VAL A 129 -24.48 18.81 2.63
CA VAL A 129 -25.05 18.11 3.78
C VAL A 129 -26.55 18.35 3.86
N LEU A 130 -27.28 17.36 4.38
CA LEU A 130 -28.74 17.43 4.48
C LEU A 130 -29.29 18.06 5.76
N PHE A 131 -28.45 18.79 6.49
CA PHE A 131 -28.88 19.44 7.72
C PHE A 131 -27.82 20.43 8.14
N MET B 1 -24.32 -17.57 22.60
CA MET B 1 -24.22 -16.09 22.53
C MET B 1 -23.29 -15.53 23.59
N LYS B 2 -22.76 -14.35 23.30
CA LYS B 2 -21.85 -13.65 24.20
C LYS B 2 -22.66 -13.10 25.38
N LYS B 3 -22.26 -13.45 26.59
CA LYS B 3 -22.95 -12.99 27.79
C LYS B 3 -22.72 -11.53 28.15
N HIS B 4 -21.48 -11.07 28.02
CA HIS B 4 -21.16 -9.72 28.41
C HIS B 4 -20.62 -8.81 27.30
N GLY B 5 -20.57 -7.52 27.62
CA GLY B 5 -20.05 -6.53 26.69
C GLY B 5 -21.08 -5.96 25.73
N ILE B 6 -20.60 -5.09 24.84
CA ILE B 6 -21.46 -4.45 23.86
C ILE B 6 -22.13 -5.51 22.98
N LEU B 7 -23.38 -5.25 22.63
CA LEU B 7 -24.18 -6.18 21.83
C LEU B 7 -23.82 -6.23 20.35
N ASN B 8 -23.47 -5.08 19.77
CA ASN B 8 -23.14 -5.04 18.35
C ASN B 8 -21.85 -5.82 18.05
N SER B 9 -21.94 -6.79 17.15
CA SER B 9 -20.79 -7.62 16.80
C SER B 9 -19.66 -6.84 16.13
N HIS B 10 -19.99 -5.90 15.24
CA HIS B 10 -18.96 -5.12 14.58
C HIS B 10 -18.18 -4.30 15.61
N LEU B 11 -18.90 -3.63 16.51
CA LEU B 11 -18.27 -2.81 17.53
C LEU B 11 -17.48 -3.63 18.53
N ALA B 12 -18.00 -4.79 18.88
CA ALA B 12 -17.32 -5.67 19.84
C ALA B 12 -15.92 -5.99 19.32
N LYS B 13 -15.82 -6.24 18.01
CA LYS B 13 -14.53 -6.57 17.39
C LYS B 13 -13.54 -5.41 17.47
N ILE B 14 -14.04 -4.19 17.34
CA ILE B 14 -13.19 -3.02 17.42
C ILE B 14 -12.74 -2.75 18.84
N LEU B 15 -13.66 -2.87 19.79
CA LEU B 15 -13.30 -2.64 21.19
C LEU B 15 -12.29 -3.66 21.65
N ALA B 16 -12.44 -4.90 21.18
CA ALA B 16 -11.55 -5.98 21.55
C ALA B 16 -10.08 -5.66 21.29
N ASP B 17 -9.79 -4.92 20.21
CA ASP B 17 -8.41 -4.57 19.87
C ASP B 17 -7.91 -3.24 20.38
N LEU B 18 -8.73 -2.51 21.13
CA LEU B 18 -8.32 -1.20 21.63
C LEU B 18 -7.18 -1.26 22.63
N GLY B 19 -6.20 -0.39 22.43
CA GLY B 19 -5.06 -0.30 23.33
C GLY B 19 -5.06 1.11 23.87
N HIS B 20 -4.28 1.37 24.92
CA HIS B 20 -4.21 2.70 25.51
C HIS B 20 -3.94 3.76 24.45
N THR B 21 -4.78 4.81 24.46
CA THR B 21 -4.71 5.93 23.52
C THR B 21 -5.32 5.70 22.13
N ASP B 22 -5.74 4.48 21.83
CA ASP B 22 -6.38 4.25 20.52
C ASP B 22 -7.66 5.09 20.49
N LYS B 23 -8.08 5.52 19.30
CA LYS B 23 -9.27 6.36 19.20
C LYS B 23 -10.36 5.82 18.26
N ILE B 24 -11.61 6.13 18.59
CA ILE B 24 -12.76 5.75 17.76
C ILE B 24 -13.62 6.99 17.62
N VAL B 25 -14.35 7.10 16.53
CA VAL B 25 -15.19 8.27 16.30
C VAL B 25 -16.68 7.95 16.24
N ILE B 26 -17.50 8.78 16.89
CA ILE B 26 -18.95 8.61 16.84
C ILE B 26 -19.32 9.79 15.96
N ALA B 27 -20.01 9.51 14.86
CA ALA B 27 -20.34 10.58 13.93
C ALA B 27 -21.82 10.78 13.58
N ASP B 28 -22.13 12.01 13.17
CA ASP B 28 -23.48 12.32 12.74
C ASP B 28 -23.59 11.80 11.31
N ALA B 29 -24.78 11.88 10.71
CA ALA B 29 -24.98 11.36 9.38
C ALA B 29 -24.18 12.01 8.24
N GLY B 30 -23.56 13.16 8.51
CA GLY B 30 -22.83 13.85 7.46
C GLY B 30 -21.31 13.84 7.49
N LEU B 31 -20.72 13.45 8.62
CA LEU B 31 -19.25 13.44 8.74
C LEU B 31 -18.60 12.54 7.69
N PRO B 32 -17.61 13.06 6.95
CA PRO B 32 -16.93 12.26 5.93
C PRO B 32 -15.95 11.32 6.62
N VAL B 33 -15.79 10.13 6.06
CA VAL B 33 -14.88 9.14 6.64
C VAL B 33 -13.60 9.11 5.81
N PRO B 34 -12.44 9.34 6.43
CA PRO B 34 -11.18 9.33 5.69
C PRO B 34 -10.94 7.96 5.07
N ASP B 35 -10.29 7.93 3.91
CA ASP B 35 -10.02 6.65 3.24
C ASP B 35 -9.11 5.84 4.15
N GLY B 36 -9.37 4.54 4.22
CA GLY B 36 -8.55 3.67 5.05
C GLY B 36 -9.10 3.46 6.45
N VAL B 37 -10.13 4.22 6.83
CA VAL B 37 -10.72 4.07 8.15
C VAL B 37 -12.02 3.28 8.06
N LEU B 38 -12.13 2.24 8.89
CA LEU B 38 -13.30 1.40 8.90
C LEU B 38 -14.56 2.16 9.31
N LYS B 39 -15.64 1.99 8.54
CA LYS B 39 -16.89 2.66 8.85
C LYS B 39 -17.95 1.64 9.25
N ILE B 40 -18.52 1.82 10.44
CA ILE B 40 -19.59 0.95 10.91
C ILE B 40 -20.81 1.86 10.97
N ASP B 41 -21.75 1.63 10.07
CA ASP B 41 -22.97 2.44 9.96
C ASP B 41 -24.11 1.79 10.73
N LEU B 42 -24.57 2.45 11.81
CA LEU B 42 -25.67 1.92 12.61
C LEU B 42 -26.98 2.66 12.33
N SER B 43 -26.93 3.67 11.47
CA SER B 43 -28.12 4.45 11.16
C SER B 43 -29.24 3.61 10.55
N LEU B 44 -30.49 3.98 10.83
CA LEU B 44 -31.65 3.29 10.29
C LEU B 44 -32.47 4.33 9.54
N LYS B 45 -32.65 5.50 10.17
CA LYS B 45 -33.37 6.61 9.58
C LYS B 45 -32.99 7.85 10.37
N PRO B 46 -33.28 9.05 9.84
CA PRO B 46 -32.92 10.27 10.57
C PRO B 46 -33.29 10.22 12.05
N GLY B 47 -32.31 10.46 12.89
CA GLY B 47 -32.54 10.45 14.32
C GLY B 47 -32.47 9.09 14.98
N LEU B 48 -32.25 8.03 14.21
CA LEU B 48 -32.17 6.70 14.81
C LEU B 48 -31.02 5.85 14.25
N PRO B 49 -30.06 5.47 15.11
CA PRO B 49 -30.05 5.83 16.53
C PRO B 49 -29.51 7.25 16.71
N ALA B 50 -29.81 7.85 17.85
CA ALA B 50 -29.36 9.21 18.13
C ALA B 50 -27.92 9.24 18.63
N PHE B 51 -27.28 10.38 18.45
CA PHE B 51 -25.90 10.58 18.88
C PHE B 51 -25.78 10.22 20.36
N GLN B 52 -26.67 10.77 21.17
CA GLN B 52 -26.68 10.54 22.62
C GLN B 52 -26.78 9.07 23.00
N ASP B 53 -27.69 8.35 22.36
CA ASP B 53 -27.86 6.93 22.67
C ASP B 53 -26.60 6.16 22.36
N THR B 54 -25.96 6.46 21.24
CA THR B 54 -24.74 5.76 20.86
C THR B 54 -23.59 6.06 21.81
N ALA B 55 -23.41 7.34 22.14
CA ALA B 55 -22.35 7.76 23.03
C ALA B 55 -22.49 7.14 24.42
N ALA B 56 -23.73 7.01 24.88
CA ALA B 56 -24.00 6.43 26.19
C ALA B 56 -23.59 4.96 26.25
N VAL B 57 -23.94 4.20 25.22
CA VAL B 57 -23.58 2.79 25.20
C VAL B 57 -22.06 2.63 25.18
N LEU B 58 -21.38 3.42 24.35
CA LEU B 58 -19.93 3.33 24.26
C LEU B 58 -19.22 3.68 25.57
N ALA B 59 -19.71 4.72 26.25
CA ALA B 59 -19.12 5.14 27.50
C ALA B 59 -19.20 4.04 28.54
N GLU B 60 -20.22 3.20 28.43
CA GLU B 60 -20.45 2.11 29.37
C GLU B 60 -19.64 0.85 29.03
N GLU B 61 -19.18 0.75 27.79
CA GLU B 61 -18.44 -0.44 27.38
C GLU B 61 -16.95 -0.24 27.12
N MET B 62 -16.54 1.03 27.08
CA MET B 62 -15.15 1.38 26.82
C MET B 62 -14.58 2.32 27.87
N ALA B 63 -13.34 2.07 28.29
CA ALA B 63 -12.69 2.94 29.27
C ALA B 63 -12.14 4.12 28.48
N VAL B 64 -12.71 5.30 28.72
CA VAL B 64 -12.30 6.51 28.02
C VAL B 64 -11.49 7.44 28.92
N GLU B 65 -10.36 7.94 28.42
CA GLU B 65 -9.56 8.85 29.23
C GLU B 65 -9.66 10.27 28.69
N LYS B 66 -10.09 10.40 27.44
CA LYS B 66 -10.21 11.73 26.85
C LYS B 66 -11.22 11.78 25.72
N VAL B 67 -11.90 12.91 25.60
CA VAL B 67 -12.89 13.11 24.57
C VAL B 67 -12.50 14.35 23.77
N ILE B 68 -12.73 14.31 22.46
CA ILE B 68 -12.40 15.44 21.61
C ILE B 68 -13.60 15.78 20.72
N ALA B 69 -13.98 17.04 20.68
CA ALA B 69 -15.10 17.47 19.86
C ALA B 69 -14.80 18.79 19.19
N ALA B 70 -15.63 19.18 18.23
CA ALA B 70 -15.45 20.45 17.54
C ALA B 70 -15.97 21.57 18.42
N ALA B 71 -15.32 22.73 18.37
CA ALA B 71 -15.74 23.87 19.17
C ALA B 71 -17.14 24.32 18.75
N GLU B 72 -17.37 24.33 17.44
CA GLU B 72 -18.65 24.76 16.88
C GLU B 72 -19.87 24.07 17.51
N ILE B 73 -19.66 22.94 18.17
CA ILE B 73 -20.79 22.22 18.78
C ILE B 73 -21.46 22.99 19.92
N LYS B 74 -20.68 23.71 20.72
CA LYS B 74 -21.24 24.48 21.84
C LYS B 74 -22.26 25.52 21.40
N ALA B 75 -22.03 26.14 20.23
CA ALA B 75 -22.94 27.16 19.74
C ALA B 75 -24.03 26.66 18.81
N SER B 76 -23.65 25.87 17.81
CA SER B 76 -24.62 25.37 16.84
C SER B 76 -25.43 24.15 17.26
N ASN B 77 -25.06 23.50 18.35
CA ASN B 77 -25.77 22.32 18.81
C ASN B 77 -25.71 22.19 20.33
N GLN B 78 -26.25 23.20 21.00
CA GLN B 78 -26.25 23.29 22.46
C GLN B 78 -26.72 22.04 23.22
N GLU B 79 -27.79 21.42 22.77
CA GLU B 79 -28.31 20.25 23.48
C GLU B 79 -27.31 19.11 23.62
N ASN B 80 -26.76 18.66 22.50
CA ASN B 80 -25.79 17.57 22.53
C ASN B 80 -24.48 17.96 23.21
N ALA B 81 -24.10 19.23 23.07
CA ALA B 81 -22.87 19.72 23.71
C ALA B 81 -22.98 19.56 25.21
N LYS B 82 -24.16 19.85 25.76
CA LYS B 82 -24.40 19.72 27.20
C LYS B 82 -24.34 18.25 27.61
N PHE B 83 -24.99 17.41 26.81
CA PHE B 83 -25.02 15.97 27.07
C PHE B 83 -23.60 15.43 27.19
N LEU B 84 -22.75 15.86 26.27
CA LEU B 84 -21.36 15.43 26.24
C LEU B 84 -20.64 15.80 27.52
N GLU B 85 -20.79 17.06 27.94
CA GLU B 85 -20.15 17.57 29.15
C GLU B 85 -20.62 16.80 30.38
N ASN B 86 -21.89 16.41 30.38
CA ASN B 86 -22.46 15.68 31.50
C ASN B 86 -22.02 14.21 31.52
N LEU B 87 -22.12 13.55 30.37
CA LEU B 87 -21.73 12.14 30.27
C LEU B 87 -20.27 11.92 30.63
N PHE B 88 -19.38 12.76 30.10
CA PHE B 88 -17.95 12.63 30.36
C PHE B 88 -17.41 13.71 31.28
N SER B 89 -17.99 13.81 32.47
CA SER B 89 -17.57 14.81 33.44
C SER B 89 -16.20 14.47 34.06
N GLU B 90 -15.94 13.19 34.26
CA GLU B 90 -14.68 12.75 34.83
C GLU B 90 -13.51 12.87 33.84
N GLN B 91 -13.79 12.61 32.57
CA GLN B 91 -12.77 12.66 31.55
C GLN B 91 -12.43 14.07 31.08
N GLU B 92 -11.28 14.19 30.41
CA GLU B 92 -10.81 15.45 29.86
C GLU B 92 -11.50 15.68 28.52
N ILE B 93 -12.08 16.86 28.33
CA ILE B 93 -12.74 17.18 27.07
C ILE B 93 -12.02 18.34 26.39
N GLU B 94 -11.48 18.06 25.22
CA GLU B 94 -10.74 19.05 24.45
C GLU B 94 -11.53 19.50 23.23
N TYR B 95 -11.62 20.82 23.02
CA TYR B 95 -12.34 21.36 21.89
C TYR B 95 -11.41 21.93 20.83
N LEU B 96 -11.61 21.52 19.59
CA LEU B 96 -10.80 21.98 18.47
C LEU B 96 -11.73 22.49 17.39
N SER B 97 -11.18 23.23 16.43
CA SER B 97 -11.99 23.72 15.32
C SER B 97 -12.42 22.45 14.58
N HIS B 98 -13.59 22.48 13.95
CA HIS B 98 -14.08 21.31 13.25
C HIS B 98 -13.08 20.84 12.19
N GLU B 99 -12.34 21.77 11.61
CA GLU B 99 -11.36 21.42 10.59
C GLU B 99 -10.24 20.57 11.19
N GLU B 100 -9.75 20.99 12.35
CA GLU B 100 -8.70 20.26 13.04
C GLU B 100 -9.22 18.91 13.53
N PHE B 101 -10.51 18.87 13.88
CA PHE B 101 -11.16 17.66 14.36
C PHE B 101 -11.14 16.61 13.27
N LYS B 102 -11.50 17.01 12.06
CA LYS B 102 -11.54 16.09 10.93
C LYS B 102 -10.17 15.50 10.61
N LEU B 103 -9.11 16.28 10.79
CA LEU B 103 -7.77 15.79 10.52
C LEU B 103 -7.43 14.68 11.51
N LEU B 104 -7.93 14.82 12.72
CA LEU B 104 -7.68 13.81 13.74
C LEU B 104 -8.36 12.49 13.45
N THR B 105 -9.51 12.51 12.76
CA THR B 105 -10.21 11.27 12.46
C THR B 105 -9.40 10.32 11.55
N LYS B 106 -8.32 10.83 10.96
CA LYS B 106 -7.47 10.01 10.09
C LYS B 106 -6.81 8.88 10.89
N ASP B 107 -6.58 9.14 12.18
CA ASP B 107 -5.92 8.16 13.06
C ASP B 107 -6.87 7.22 13.78
N ALA B 108 -8.18 7.43 13.61
CA ALA B 108 -9.16 6.61 14.28
C ALA B 108 -9.15 5.17 13.80
N LYS B 109 -9.48 4.24 14.69
CA LYS B 109 -9.55 2.82 14.36
C LYS B 109 -10.88 2.56 13.64
N ALA B 110 -11.84 3.45 13.84
CA ALA B 110 -13.14 3.29 13.18
C ALA B 110 -14.03 4.51 13.39
N VAL B 111 -15.00 4.67 12.49
CA VAL B 111 -15.95 5.75 12.58
C VAL B 111 -17.32 5.09 12.68
N ILE B 112 -18.04 5.38 13.77
CA ILE B 112 -19.37 4.82 13.97
C ILE B 112 -20.36 5.89 13.50
N ARG B 113 -21.10 5.57 12.45
CA ARG B 113 -22.05 6.52 11.90
C ARG B 113 -23.42 6.32 12.58
N THR B 114 -23.99 7.41 13.08
CA THR B 114 -25.30 7.34 13.72
C THR B 114 -26.30 8.00 12.79
N GLY B 115 -27.58 8.04 13.18
CA GLY B 115 -28.58 8.67 12.34
C GLY B 115 -28.77 10.13 12.70
N GLU B 116 -27.91 10.64 13.57
CA GLU B 116 -27.99 12.03 14.04
C GLU B 116 -27.99 13.05 12.91
N PHE B 117 -29.04 13.86 12.86
CA PHE B 117 -29.18 14.89 11.83
C PHE B 117 -29.02 16.32 12.35
N THR B 118 -28.09 16.51 13.28
CA THR B 118 -27.82 17.84 13.81
C THR B 118 -26.32 18.09 13.63
N PRO B 119 -25.94 19.32 13.28
CA PRO B 119 -24.55 19.72 13.05
C PRO B 119 -23.52 19.52 14.17
N TYR B 120 -22.30 19.22 13.75
CA TYR B 120 -21.16 19.02 14.64
C TYR B 120 -21.39 18.00 15.75
N ALA B 121 -22.30 17.06 15.50
CA ALA B 121 -22.58 16.01 16.48
C ALA B 121 -21.57 14.87 16.30
N ASN B 122 -20.31 15.17 16.59
CA ASN B 122 -19.24 14.18 16.45
C ASN B 122 -18.27 14.30 17.61
N CYS B 123 -17.63 13.19 17.96
CA CYS B 123 -16.64 13.21 19.02
C CYS B 123 -15.69 12.03 18.88
N ILE B 124 -14.49 12.21 19.40
CA ILE B 124 -13.48 11.16 19.36
C ILE B 124 -13.31 10.67 20.80
N LEU B 125 -13.40 9.36 20.98
CA LEU B 125 -13.21 8.76 22.30
C LEU B 125 -11.83 8.12 22.32
N GLN B 126 -10.94 8.61 23.19
CA GLN B 126 -9.60 8.07 23.30
C GLN B 126 -9.52 7.06 24.44
N ALA B 127 -9.18 5.82 24.08
CA ALA B 127 -9.07 4.72 25.03
C ALA B 127 -8.13 4.93 26.21
N GLY B 128 -8.59 4.54 27.39
CA GLY B 128 -7.76 4.64 28.57
C GLY B 128 -7.22 3.25 28.87
N VAL B 129 -6.81 3.00 30.11
CA VAL B 129 -6.28 1.70 30.49
C VAL B 129 -7.05 1.17 31.70
N LEU B 130 -7.08 -0.16 31.86
CA LEU B 130 -7.79 -0.76 32.99
C LEU B 130 -6.91 -0.97 34.22
N PHE B 131 -5.65 -0.57 34.13
CA PHE B 131 -4.72 -0.73 35.24
C PHE B 131 -3.65 0.34 35.20
N MET C 1 2.98 -34.41 14.92
CA MET C 1 3.25 -33.15 15.68
C MET C 1 4.71 -32.74 15.59
N LYS C 2 4.96 -31.47 15.89
CA LYS C 2 6.30 -30.91 15.86
C LYS C 2 7.00 -31.36 17.15
N LYS C 3 8.19 -31.92 17.02
CA LYS C 3 8.95 -32.42 18.18
C LYS C 3 9.64 -31.36 19.03
N HIS C 4 10.30 -30.41 18.38
CA HIS C 4 11.04 -29.38 19.09
C HIS C 4 10.55 -27.95 18.84
N GLY C 5 11.10 -27.01 19.60
CA GLY C 5 10.73 -25.61 19.45
C GLY C 5 9.55 -25.18 20.29
N ILE C 6 9.16 -23.92 20.15
CA ILE C 6 8.04 -23.37 20.90
C ILE C 6 6.77 -24.13 20.51
N LEU C 7 5.88 -24.29 21.49
CA LEU C 7 4.62 -25.02 21.29
C LEU C 7 3.56 -24.29 20.46
N ASN C 8 3.44 -22.98 20.67
CA ASN C 8 2.46 -22.16 19.99
C ASN C 8 2.75 -22.04 18.49
N SER C 9 1.78 -22.44 17.67
CA SER C 9 1.93 -22.41 16.21
C SER C 9 2.15 -21.02 15.63
N HIS C 10 1.37 -20.04 16.11
CA HIS C 10 1.51 -18.67 15.62
C HIS C 10 2.94 -18.20 15.88
N LEU C 11 3.42 -18.37 17.11
CA LEU C 11 4.76 -17.93 17.47
C LEU C 11 5.85 -18.68 16.74
N ALA C 12 5.67 -19.98 16.53
CA ALA C 12 6.66 -20.79 15.83
C ALA C 12 6.89 -20.19 14.44
N LYS C 13 5.81 -19.75 13.80
CA LYS C 13 5.88 -19.16 12.46
C LYS C 13 6.65 -17.85 12.46
N ILE C 14 6.44 -17.04 13.50
CA ILE C 14 7.16 -15.78 13.62
C ILE C 14 8.66 -16.01 13.88
N LEU C 15 8.98 -16.94 14.79
CA LEU C 15 10.39 -17.22 15.09
C LEU C 15 11.11 -17.82 13.89
N ALA C 16 10.36 -18.60 13.11
CA ALA C 16 10.90 -19.25 11.93
C ALA C 16 11.49 -18.26 10.93
N ASP C 17 10.89 -17.07 10.84
CA ASP C 17 11.36 -16.06 9.90
C ASP C 17 12.34 -15.07 10.46
N LEU C 18 12.62 -15.15 11.76
CA LEU C 18 13.53 -14.19 12.37
C LEU C 18 14.93 -14.23 11.77
N GLY C 19 15.43 -13.03 11.48
CA GLY C 19 16.78 -12.86 10.96
C GLY C 19 17.49 -11.98 11.99
N HIS C 20 18.82 -11.88 11.91
CA HIS C 20 19.59 -11.07 12.86
C HIS C 20 19.14 -9.61 12.92
N THR C 21 18.84 -9.17 14.14
CA THR C 21 18.37 -7.80 14.44
C THR C 21 16.86 -7.62 14.31
N ASP C 22 16.14 -8.64 13.87
CA ASP C 22 14.68 -8.53 13.78
C ASP C 22 14.15 -8.40 15.21
N LYS C 23 13.02 -7.73 15.37
CA LYS C 23 12.45 -7.49 16.69
C LYS C 23 11.03 -7.97 16.91
N ILE C 24 10.77 -8.47 18.11
CA ILE C 24 9.41 -8.89 18.47
C ILE C 24 9.11 -8.19 19.79
N VAL C 25 7.82 -7.99 20.07
CA VAL C 25 7.43 -7.31 21.29
C VAL C 25 6.56 -8.17 22.20
N ILE C 26 6.88 -8.18 23.49
CA ILE C 26 6.06 -8.90 24.46
C ILE C 26 5.38 -7.73 25.15
N ALA C 27 4.06 -7.78 25.26
CA ALA C 27 3.36 -6.64 25.84
C ALA C 27 2.36 -6.96 26.93
N ASP C 28 2.00 -5.92 27.69
CA ASP C 28 0.99 -6.09 28.72
C ASP C 28 -0.34 -5.94 28.00
N ALA C 29 -1.45 -6.01 28.71
CA ALA C 29 -2.76 -5.94 28.09
C ALA C 29 -3.19 -4.57 27.54
N GLY C 30 -2.47 -3.52 27.90
CA GLY C 30 -2.86 -2.20 27.43
C GLY C 30 -2.06 -1.58 26.31
N LEU C 31 -0.88 -2.15 26.01
CA LEU C 31 -0.05 -1.59 24.95
C LEU C 31 -0.78 -1.53 23.61
N PRO C 32 -0.77 -0.36 22.95
CA PRO C 32 -1.43 -0.24 21.65
C PRO C 32 -0.53 -0.88 20.59
N VAL C 33 -1.13 -1.50 19.57
CA VAL C 33 -0.35 -2.14 18.51
C VAL C 33 -0.38 -1.28 17.26
N PRO C 34 0.78 -0.85 16.77
CA PRO C 34 0.83 -0.02 15.56
C PRO C 34 0.12 -0.68 14.38
N ASP C 35 -0.46 0.14 13.51
CA ASP C 35 -1.15 -0.40 12.34
C ASP C 35 -0.13 -1.14 11.48
N GLY C 36 -0.49 -2.31 10.99
CA GLY C 36 0.43 -3.07 10.15
C GLY C 36 1.22 -4.14 10.87
N VAL C 37 1.39 -4.03 12.19
CA VAL C 37 2.14 -5.03 12.92
C VAL C 37 1.24 -6.18 13.36
N LEU C 38 1.68 -7.40 13.10
CA LEU C 38 0.93 -8.59 13.46
C LEU C 38 0.77 -8.71 14.97
N LYS C 39 -0.44 -9.00 15.40
CA LYS C 39 -0.76 -9.14 16.82
C LYS C 39 -1.14 -10.59 17.16
N ILE C 40 -0.45 -11.16 18.14
CA ILE C 40 -0.77 -12.51 18.58
C ILE C 40 -1.19 -12.39 20.04
N ASP C 41 -2.48 -12.55 20.27
CA ASP C 41 -3.04 -12.41 21.61
C ASP C 41 -3.14 -13.76 22.34
N LEU C 42 -2.35 -13.91 23.41
CA LEU C 42 -2.32 -15.15 24.19
C LEU C 42 -3.10 -15.03 25.49
N SER C 43 -3.56 -13.82 25.81
CA SER C 43 -4.29 -13.58 27.05
C SER C 43 -5.56 -14.42 27.19
N LEU C 44 -5.85 -14.84 28.42
CA LEU C 44 -7.05 -15.63 28.69
C LEU C 44 -7.91 -14.85 29.68
N LYS C 45 -7.25 -14.28 30.68
CA LYS C 45 -7.89 -13.46 31.69
C LYS C 45 -6.76 -12.68 32.36
N PRO C 46 -7.09 -11.63 33.11
CA PRO C 46 -6.04 -10.83 33.78
C PRO C 46 -4.99 -11.68 34.50
N GLY C 47 -3.73 -11.45 34.19
CA GLY C 47 -2.65 -12.19 34.82
C GLY C 47 -2.31 -13.54 34.21
N LEU C 48 -3.05 -13.97 33.18
CA LEU C 48 -2.77 -15.25 32.56
C LEU C 48 -2.83 -15.11 31.04
N PRO C 49 -1.70 -15.30 30.35
CA PRO C 49 -0.38 -15.62 30.92
C PRO C 49 0.29 -14.38 31.47
N ALA C 50 1.24 -14.58 32.37
CA ALA C 50 1.96 -13.45 32.97
C ALA C 50 3.11 -13.03 32.08
N PHE C 51 3.51 -11.78 32.22
CA PHE C 51 4.61 -11.23 31.44
C PHE C 51 5.84 -12.11 31.64
N GLN C 52 6.12 -12.42 32.90
CA GLN C 52 7.27 -13.25 33.25
C GLN C 52 7.24 -14.63 32.59
N ASP C 53 6.07 -15.27 32.62
CA ASP C 53 5.93 -16.59 32.00
C ASP C 53 6.22 -16.57 30.50
N THR C 54 5.72 -15.55 29.83
CA THR C 54 5.90 -15.41 28.39
C THR C 54 7.34 -15.09 28.03
N ALA C 55 7.95 -14.14 28.74
CA ALA C 55 9.33 -13.76 28.49
C ALA C 55 10.27 -14.94 28.70
N ALA C 56 9.97 -15.77 29.70
CA ALA C 56 10.81 -16.92 30.00
C ALA C 56 10.79 -17.90 28.83
N VAL C 57 9.59 -18.25 28.35
CA VAL C 57 9.44 -19.16 27.23
C VAL C 57 10.20 -18.66 26.00
N LEU C 58 10.02 -17.38 25.67
CA LEU C 58 10.68 -16.81 24.52
C LEU C 58 12.21 -16.82 24.64
N ALA C 59 12.71 -16.52 25.83
CA ALA C 59 14.14 -16.48 26.09
C ALA C 59 14.77 -17.84 25.81
N GLU C 60 13.98 -18.89 26.02
CA GLU C 60 14.42 -20.27 25.82
C GLU C 60 14.33 -20.75 24.38
N GLU C 61 13.50 -20.10 23.57
CA GLU C 61 13.31 -20.52 22.17
C GLU C 61 13.89 -19.58 21.13
N MET C 62 14.32 -18.42 21.58
CA MET C 62 14.86 -17.41 20.68
C MET C 62 16.25 -16.97 21.12
N ALA C 63 17.10 -16.67 20.15
CA ALA C 63 18.45 -16.20 20.45
C ALA C 63 18.33 -14.68 20.59
N VAL C 64 18.40 -14.21 21.83
CA VAL C 64 18.29 -12.79 22.13
C VAL C 64 19.65 -12.10 22.24
N GLU C 65 19.79 -11.03 21.49
CA GLU C 65 21.01 -10.24 21.41
C GLU C 65 20.91 -8.94 22.21
N LYS C 66 19.69 -8.44 22.35
CA LYS C 66 19.47 -7.20 23.07
C LYS C 66 18.03 -7.11 23.56
N VAL C 67 17.82 -6.43 24.67
CA VAL C 67 16.50 -6.26 25.25
C VAL C 67 16.25 -4.77 25.47
N ILE C 68 15.06 -4.32 25.09
CA ILE C 68 14.70 -2.92 25.24
C ILE C 68 13.41 -2.77 26.04
N ALA C 69 13.43 -1.87 27.01
CA ALA C 69 12.25 -1.64 27.84
C ALA C 69 12.15 -0.16 28.18
N ALA C 70 11.02 0.26 28.71
CA ALA C 70 10.82 1.66 29.07
C ALA C 70 11.34 1.90 30.49
N ALA C 71 12.05 3.01 30.68
CA ALA C 71 12.59 3.38 31.99
C ALA C 71 11.50 3.40 33.06
N GLU C 72 10.28 3.80 32.66
CA GLU C 72 9.16 3.86 33.59
C GLU C 72 8.92 2.54 34.31
N ILE C 73 9.40 1.44 33.74
CA ILE C 73 9.19 0.14 34.36
C ILE C 73 9.93 0.00 35.71
N LYS C 74 11.05 0.72 35.86
CA LYS C 74 11.83 0.67 37.09
C LYS C 74 11.09 1.41 38.20
N ALA C 75 10.32 2.42 37.81
CA ALA C 75 9.59 3.23 38.77
C ALA C 75 8.24 2.65 39.20
N SER C 76 7.50 2.05 38.27
CA SER C 76 6.18 1.53 38.61
C SER C 76 6.01 0.01 38.61
N ASN C 77 7.04 -0.73 38.23
CA ASN C 77 6.92 -2.19 38.18
C ASN C 77 8.26 -2.85 38.48
N GLN C 78 8.87 -2.45 39.60
CA GLN C 78 10.17 -2.97 40.02
C GLN C 78 10.26 -4.49 40.00
N GLU C 79 9.16 -5.16 40.32
CA GLU C 79 9.18 -6.62 40.32
C GLU C 79 9.51 -7.16 38.93
N ASN C 80 8.77 -6.73 37.92
CA ASN C 80 9.03 -7.21 36.56
C ASN C 80 10.34 -6.65 36.03
N ALA C 81 10.69 -5.45 36.46
CA ALA C 81 11.95 -4.83 36.04
C ALA C 81 13.13 -5.69 36.51
N LYS C 82 13.05 -6.19 37.74
CA LYS C 82 14.13 -7.04 38.27
C LYS C 82 14.18 -8.36 37.53
N PHE C 83 13.01 -8.96 37.30
CA PHE C 83 12.92 -10.22 36.58
C PHE C 83 13.69 -10.13 35.28
N LEU C 84 13.36 -9.10 34.51
CA LEU C 84 13.98 -8.87 33.21
C LEU C 84 15.50 -8.79 33.31
N GLU C 85 15.99 -8.07 34.31
CA GLU C 85 17.43 -7.91 34.52
C GLU C 85 18.12 -9.26 34.69
N ASN C 86 17.54 -10.12 35.53
CA ASN C 86 18.11 -11.44 35.81
C ASN C 86 17.97 -12.43 34.65
N LEU C 87 16.81 -12.44 34.02
CA LEU C 87 16.57 -13.35 32.90
C LEU C 87 17.58 -13.12 31.78
N PHE C 88 17.87 -11.86 31.45
CA PHE C 88 18.82 -11.55 30.39
C PHE C 88 20.14 -11.01 30.92
N SER C 89 20.73 -11.73 31.86
CA SER C 89 22.00 -11.36 32.49
C SER C 89 23.11 -11.12 31.49
N GLU C 90 23.24 -12.03 30.53
CA GLU C 90 24.28 -11.95 29.52
C GLU C 90 24.01 -11.00 28.35
N GLN C 91 22.79 -10.52 28.23
CA GLN C 91 22.47 -9.62 27.12
C GLN C 91 22.43 -8.15 27.52
N GLU C 92 22.46 -7.29 26.51
CA GLU C 92 22.41 -5.84 26.69
C GLU C 92 20.98 -5.40 26.92
N ILE C 93 20.74 -4.65 27.99
CA ILE C 93 19.40 -4.14 28.28
C ILE C 93 19.41 -2.63 28.16
N GLU C 94 18.62 -2.09 27.24
CA GLU C 94 18.58 -0.65 27.05
C GLU C 94 17.26 -0.05 27.50
N TYR C 95 17.34 1.02 28.29
CA TYR C 95 16.14 1.70 28.76
C TYR C 95 15.93 2.97 28.00
N LEU C 96 14.71 3.16 27.53
CA LEU C 96 14.34 4.35 26.77
C LEU C 96 13.08 4.84 27.43
N SER C 97 12.63 6.03 27.06
CA SER C 97 11.39 6.55 27.61
C SER C 97 10.26 5.73 26.98
N HIS C 98 9.18 5.53 27.73
CA HIS C 98 8.05 4.77 27.20
C HIS C 98 7.63 5.30 25.84
N GLU C 99 7.69 6.62 25.66
CA GLU C 99 7.32 7.24 24.38
C GLU C 99 8.17 6.77 23.20
N GLU C 100 9.49 6.68 23.41
CA GLU C 100 10.38 6.22 22.36
C GLU C 100 10.19 4.73 22.17
N PHE C 101 9.94 4.02 23.27
CA PHE C 101 9.72 2.58 23.22
C PHE C 101 8.57 2.29 22.25
N LYS C 102 7.48 3.02 22.37
CA LYS C 102 6.32 2.81 21.49
C LYS C 102 6.62 3.05 20.01
N LEU C 103 7.44 4.07 19.73
CA LEU C 103 7.79 4.36 18.36
C LEU C 103 8.55 3.17 17.78
N LEU C 104 9.37 2.55 18.62
CA LEU C 104 10.17 1.40 18.20
C LEU C 104 9.34 0.16 17.86
N THR C 105 8.17 0.04 18.47
CA THR C 105 7.32 -1.12 18.22
C THR C 105 6.79 -1.17 16.78
N LYS C 106 6.78 -0.03 16.10
CA LYS C 106 6.31 0.02 14.72
C LYS C 106 7.19 -0.80 13.79
N ASP C 107 8.44 -1.06 14.21
CA ASP C 107 9.36 -1.84 13.41
C ASP C 107 9.35 -3.33 13.75
N ALA C 108 8.57 -3.71 14.75
CA ALA C 108 8.52 -5.11 15.16
C ALA C 108 7.81 -6.03 14.16
N LYS C 109 8.22 -7.30 14.15
CA LYS C 109 7.63 -8.30 13.28
C LYS C 109 6.31 -8.77 13.89
N ALA C 110 6.15 -8.52 15.19
CA ALA C 110 4.93 -8.93 15.88
C ALA C 110 4.90 -8.43 17.31
N VAL C 111 3.68 -8.31 17.83
CA VAL C 111 3.46 -7.90 19.20
C VAL C 111 2.72 -9.07 19.82
N ILE C 112 3.26 -9.59 20.92
CA ILE C 112 2.64 -10.72 21.62
C ILE C 112 1.95 -10.12 22.83
N ARG C 113 0.63 -10.22 22.87
CA ARG C 113 -0.13 -9.68 23.99
C ARG C 113 -0.30 -10.74 25.08
N THR C 114 0.05 -10.37 26.31
CA THR C 114 -0.08 -11.27 27.46
C THR C 114 -1.27 -10.78 28.29
N GLY C 115 -1.54 -11.46 29.40
CA GLY C 115 -2.63 -11.03 30.26
C GLY C 115 -2.14 -10.14 31.39
N GLU C 116 -0.88 -9.71 31.30
CA GLU C 116 -0.28 -8.85 32.33
C GLU C 116 -1.03 -7.56 32.58
N PHE C 117 -1.48 -7.38 33.82
CA PHE C 117 -2.23 -6.20 34.20
C PHE C 117 -1.46 -5.21 35.07
N THR C 118 -0.16 -5.04 34.77
CA THR C 118 0.65 -4.09 35.52
C THR C 118 1.30 -3.14 34.51
N PRO C 119 1.52 -1.88 34.93
CA PRO C 119 2.11 -0.82 34.10
C PRO C 119 3.49 -1.09 33.52
N TYR C 120 3.67 -0.64 32.28
CA TYR C 120 4.93 -0.76 31.56
C TYR C 120 5.58 -2.13 31.51
N ALA C 121 4.78 -3.18 31.59
CA ALA C 121 5.32 -4.53 31.52
C ALA C 121 5.41 -4.93 30.05
N ASN C 122 6.32 -4.27 29.33
CA ASN C 122 6.54 -4.53 27.90
C ASN C 122 8.04 -4.54 27.62
N CYS C 123 8.45 -5.28 26.60
CA CYS C 123 9.86 -5.29 26.23
C CYS C 123 10.03 -5.72 24.76
N ILE C 124 11.12 -5.29 24.16
CA ILE C 124 11.43 -5.62 22.78
C ILE C 124 12.64 -6.55 22.79
N LEU C 125 12.50 -7.72 22.17
CA LEU C 125 13.58 -8.67 22.09
C LEU C 125 14.19 -8.59 20.67
N GLN C 126 15.47 -8.26 20.59
CA GLN C 126 16.16 -8.16 19.31
C GLN C 126 16.93 -9.45 19.04
N ALA C 127 16.59 -10.11 17.94
CA ALA C 127 17.20 -11.38 17.54
C ALA C 127 18.71 -11.31 17.31
N GLY C 128 19.40 -12.37 17.73
CA GLY C 128 20.84 -12.44 17.52
C GLY C 128 21.09 -13.47 16.42
N VAL C 129 22.33 -13.92 16.29
CA VAL C 129 22.69 -14.92 15.29
C VAL C 129 23.22 -16.18 15.96
N LEU C 130 23.07 -17.32 15.29
CA LEU C 130 23.54 -18.59 15.82
C LEU C 130 24.96 -18.94 15.37
N PHE C 131 25.66 -17.95 14.85
CA PHE C 131 27.05 -18.15 14.38
C PHE C 131 27.71 -16.80 14.14
N MET D 1 7.42 -32.35 -18.01
CA MET D 1 8.35 -31.56 -17.14
C MET D 1 9.17 -30.58 -17.96
N LYS D 2 9.66 -29.55 -17.29
CA LYS D 2 10.48 -28.53 -17.93
C LYS D 2 11.83 -29.19 -18.23
N LYS D 3 12.28 -29.06 -19.47
CA LYS D 3 13.53 -29.68 -19.89
C LYS D 3 14.80 -28.89 -19.57
N HIS D 4 14.76 -27.57 -19.74
CA HIS D 4 15.93 -26.75 -19.50
C HIS D 4 15.77 -25.76 -18.35
N GLY D 5 16.90 -25.14 -17.97
CA GLY D 5 16.90 -24.16 -16.90
C GLY D 5 17.03 -24.74 -15.50
N ILE D 6 16.94 -23.86 -14.51
CA ILE D 6 17.07 -24.26 -13.12
C ILE D 6 15.96 -25.21 -12.70
N LEU D 7 16.30 -26.17 -11.85
CA LEU D 7 15.34 -27.17 -11.39
C LEU D 7 14.28 -26.66 -10.41
N ASN D 8 14.66 -25.77 -9.50
CA ASN D 8 13.74 -25.25 -8.50
C ASN D 8 12.63 -24.40 -9.13
N SER D 9 11.38 -24.77 -8.89
CA SER D 9 10.25 -24.05 -9.44
C SER D 9 10.13 -22.61 -8.92
N HIS D 10 10.31 -22.40 -7.62
CA HIS D 10 10.22 -21.05 -7.07
C HIS D 10 11.25 -20.16 -7.74
N LEU D 11 12.49 -20.67 -7.87
CA LEU D 11 13.56 -19.91 -8.48
C LEU D 11 13.37 -19.65 -9.98
N ALA D 12 12.86 -20.64 -10.70
CA ALA D 12 12.63 -20.49 -12.13
C ALA D 12 11.71 -19.28 -12.38
N LYS D 13 10.68 -19.16 -11.54
CA LYS D 13 9.72 -18.06 -11.66
C LYS D 13 10.40 -16.70 -11.48
N ILE D 14 11.37 -16.62 -10.57
CA ILE D 14 12.07 -15.35 -10.35
C ILE D 14 13.00 -15.05 -11.53
N LEU D 15 13.76 -16.05 -11.98
CA LEU D 15 14.67 -15.82 -13.09
C LEU D 15 13.90 -15.42 -14.34
N ALA D 16 12.73 -16.04 -14.54
CA ALA D 16 11.87 -15.76 -15.68
C ALA D 16 11.55 -14.26 -15.83
N ASP D 17 11.39 -13.57 -14.70
CA ASP D 17 11.07 -12.13 -14.74
C ASP D 17 12.25 -11.17 -14.70
N LEU D 18 13.47 -11.69 -14.54
CA LEU D 18 14.61 -10.78 -14.46
C LEU D 18 14.82 -9.96 -15.72
N GLY D 19 15.07 -8.67 -15.52
CA GLY D 19 15.35 -7.77 -16.61
C GLY D 19 16.72 -7.20 -16.28
N HIS D 20 17.37 -6.56 -17.24
CA HIS D 20 18.70 -5.98 -17.02
C HIS D 20 18.78 -5.08 -15.78
N THR D 21 19.74 -5.39 -14.90
CA THR D 21 20.02 -4.69 -13.65
C THR D 21 19.20 -5.16 -12.44
N ASP D 22 18.23 -6.05 -12.67
CA ASP D 22 17.44 -6.58 -11.54
C ASP D 22 18.38 -7.34 -10.61
N LYS D 23 18.07 -7.33 -9.32
CA LYS D 23 18.91 -7.98 -8.33
C LYS D 23 18.24 -9.06 -7.52
N ILE D 24 19.02 -10.09 -7.20
CA ILE D 24 18.54 -11.17 -6.34
C ILE D 24 19.63 -11.39 -5.29
N VAL D 25 19.24 -11.89 -4.12
CA VAL D 25 20.20 -12.09 -3.05
C VAL D 25 20.33 -13.55 -2.62
N ILE D 26 21.56 -13.99 -2.40
CA ILE D 26 21.84 -15.34 -1.92
C ILE D 26 22.31 -15.02 -0.52
N ALA D 27 21.68 -15.64 0.47
CA ALA D 27 22.02 -15.31 1.85
C ALA D 27 22.34 -16.46 2.77
N ASP D 28 23.08 -16.16 3.82
CA ASP D 28 23.40 -17.18 4.82
C ASP D 28 22.14 -17.31 5.67
N ALA D 29 22.13 -18.26 6.60
CA ALA D 29 20.97 -18.51 7.44
C ALA D 29 20.54 -17.40 8.40
N GLY D 30 21.37 -16.37 8.57
CA GLY D 30 21.00 -15.33 9.52
C GLY D 30 20.61 -13.97 8.97
N LEU D 31 20.83 -13.74 7.68
CA LEU D 31 20.49 -12.46 7.07
C LEU D 31 19.00 -12.12 7.23
N PRO D 32 18.68 -10.88 7.64
CA PRO D 32 17.28 -10.49 7.79
C PRO D 32 16.74 -10.14 6.40
N VAL D 33 15.48 -10.46 6.14
CA VAL D 33 14.86 -10.17 4.85
C VAL D 33 13.97 -8.93 5.02
N PRO D 34 14.21 -7.87 4.23
CA PRO D 34 13.40 -6.65 4.33
C PRO D 34 11.92 -6.92 4.06
N ASP D 35 11.05 -6.11 4.65
CA ASP D 35 9.62 -6.30 4.42
C ASP D 35 9.31 -6.06 2.95
N GLY D 36 8.46 -6.89 2.37
CA GLY D 36 8.11 -6.71 0.96
C GLY D 36 8.98 -7.47 -0.02
N VAL D 37 10.06 -8.09 0.45
CA VAL D 37 10.93 -8.86 -0.44
C VAL D 37 10.63 -10.34 -0.28
N LEU D 38 10.36 -10.99 -1.40
CA LEU D 38 10.05 -12.43 -1.40
C LEU D 38 11.22 -13.26 -0.87
N LYS D 39 10.92 -14.20 0.02
CA LYS D 39 11.97 -15.06 0.54
C LYS D 39 11.76 -16.49 0.09
N ILE D 40 12.79 -17.07 -0.50
CA ILE D 40 12.74 -18.47 -0.92
C ILE D 40 13.77 -19.17 -0.05
N ASP D 41 13.28 -20.00 0.87
CA ASP D 41 14.16 -20.72 1.80
C ASP D 41 14.46 -22.12 1.29
N LEU D 42 15.73 -22.36 0.94
CA LEU D 42 16.14 -23.67 0.43
C LEU D 42 16.85 -24.49 1.51
N SER D 43 17.01 -23.92 2.70
CA SER D 43 17.71 -24.62 3.78
C SER D 43 17.05 -25.89 4.28
N LEU D 44 17.88 -26.89 4.59
CA LEU D 44 17.38 -28.18 5.09
C LEU D 44 17.91 -28.37 6.50
N LYS D 45 19.19 -28.03 6.70
CA LYS D 45 19.85 -28.12 7.99
C LYS D 45 21.15 -27.34 7.86
N PRO D 46 21.80 -27.03 9.00
CA PRO D 46 23.07 -26.27 8.95
C PRO D 46 24.05 -26.80 7.90
N GLY D 47 24.47 -25.91 7.01
CA GLY D 47 25.40 -26.29 5.97
C GLY D 47 24.78 -26.88 4.73
N LEU D 48 23.47 -27.19 4.77
CA LEU D 48 22.81 -27.78 3.61
C LEU D 48 21.54 -27.01 3.21
N PRO D 49 21.54 -26.39 2.02
CA PRO D 49 22.67 -26.38 1.08
C PRO D 49 23.65 -25.28 1.45
N ALA D 50 24.87 -25.37 0.94
CA ALA D 50 25.89 -24.38 1.22
C ALA D 50 25.80 -23.18 0.30
N PHE D 51 26.39 -22.09 0.73
CA PHE D 51 26.42 -20.84 -0.03
C PHE D 51 27.06 -21.09 -1.38
N GLN D 52 28.16 -21.84 -1.36
CA GLN D 52 28.89 -22.16 -2.59
C GLN D 52 28.08 -22.98 -3.57
N ASP D 53 27.41 -24.02 -3.09
CA ASP D 53 26.60 -24.84 -3.98
C ASP D 53 25.50 -24.00 -4.63
N THR D 54 24.87 -23.16 -3.84
CA THR D 54 23.79 -22.31 -4.30
C THR D 54 24.27 -21.28 -5.32
N ALA D 55 25.35 -20.59 -5.00
CA ALA D 55 25.90 -19.56 -5.87
C ALA D 55 26.34 -20.11 -7.23
N ALA D 56 26.84 -21.34 -7.23
CA ALA D 56 27.31 -21.99 -8.46
C ALA D 56 26.16 -22.34 -9.39
N VAL D 57 25.05 -22.79 -8.82
CA VAL D 57 23.89 -23.14 -9.64
C VAL D 57 23.33 -21.87 -10.29
N LEU D 58 23.22 -20.81 -9.50
CA LEU D 58 22.70 -19.54 -10.00
C LEU D 58 23.57 -18.95 -11.10
N ALA D 59 24.89 -19.00 -10.92
CA ALA D 59 25.81 -18.47 -11.92
C ALA D 59 25.65 -19.23 -13.24
N GLU D 60 25.21 -20.47 -13.12
CA GLU D 60 25.02 -21.33 -14.28
C GLU D 60 23.71 -21.02 -15.02
N GLU D 61 22.71 -20.54 -14.29
CA GLU D 61 21.40 -20.26 -14.88
C GLU D 61 21.03 -18.82 -15.18
N MET D 62 21.82 -17.86 -14.73
CA MET D 62 21.49 -16.47 -14.99
C MET D 62 22.69 -15.66 -15.44
N ALA D 63 22.45 -14.68 -16.30
CA ALA D 63 23.51 -13.82 -16.79
C ALA D 63 23.76 -12.77 -15.72
N VAL D 64 24.95 -12.80 -15.13
CA VAL D 64 25.33 -11.86 -14.07
C VAL D 64 26.35 -10.86 -14.58
N GLU D 65 26.05 -9.57 -14.47
CA GLU D 65 26.99 -8.55 -14.92
C GLU D 65 27.79 -7.96 -13.78
N LYS D 66 27.27 -8.09 -12.56
CA LYS D 66 27.95 -7.54 -11.39
C LYS D 66 27.55 -8.28 -10.12
N VAL D 67 28.52 -8.39 -9.21
CA VAL D 67 28.28 -9.07 -7.94
C VAL D 67 28.63 -8.11 -6.81
N ILE D 68 27.78 -8.07 -5.79
CA ILE D 68 28.01 -7.18 -4.65
C ILE D 68 28.08 -8.00 -3.38
N ALA D 69 29.10 -7.74 -2.57
CA ALA D 69 29.27 -8.46 -1.31
C ALA D 69 29.70 -7.49 -0.22
N ALA D 70 29.72 -7.97 1.02
CA ALA D 70 30.13 -7.13 2.14
C ALA D 70 31.64 -7.30 2.37
N ALA D 71 32.35 -6.17 2.49
CA ALA D 71 33.80 -6.21 2.72
C ALA D 71 34.20 -7.11 3.88
N GLU D 72 33.35 -7.19 4.91
CA GLU D 72 33.65 -8.03 6.07
C GLU D 72 33.83 -9.51 5.73
N ILE D 73 33.45 -9.91 4.52
CA ILE D 73 33.58 -11.31 4.12
C ILE D 73 35.04 -11.73 3.92
N LYS D 74 35.86 -10.82 3.39
CA LYS D 74 37.27 -11.12 3.16
C LYS D 74 37.99 -11.44 4.47
N ALA D 75 37.70 -10.66 5.50
CA ALA D 75 38.34 -10.87 6.80
C ALA D 75 37.77 -12.04 7.58
N SER D 76 36.46 -12.11 7.69
CA SER D 76 35.81 -13.16 8.47
C SER D 76 35.44 -14.46 7.77
N ASN D 77 35.43 -14.47 6.45
CA ASN D 77 35.05 -15.68 5.72
C ASN D 77 35.87 -15.89 4.45
N GLN D 78 37.19 -15.93 4.62
CA GLN D 78 38.13 -16.09 3.52
C GLN D 78 37.80 -17.15 2.48
N GLU D 79 37.42 -18.34 2.92
CA GLU D 79 37.12 -19.40 1.98
C GLU D 79 36.03 -19.00 0.98
N ASN D 80 34.89 -18.52 1.50
CA ASN D 80 33.81 -18.11 0.62
C ASN D 80 34.15 -16.87 -0.18
N ALA D 81 34.90 -15.96 0.42
CA ALA D 81 35.29 -14.74 -0.28
C ALA D 81 36.10 -15.10 -1.53
N LYS D 82 36.98 -16.08 -1.39
CA LYS D 82 37.83 -16.53 -2.50
C LYS D 82 37.01 -17.29 -3.54
N PHE D 83 36.04 -18.06 -3.07
CA PHE D 83 35.18 -18.82 -3.97
C PHE D 83 34.49 -17.87 -4.94
N LEU D 84 33.99 -16.75 -4.41
CA LEU D 84 33.30 -15.74 -5.21
C LEU D 84 34.21 -15.12 -6.26
N GLU D 85 35.41 -14.75 -5.84
CA GLU D 85 36.37 -14.14 -6.74
C GLU D 85 36.60 -15.09 -7.92
N ASN D 86 36.78 -16.38 -7.61
CA ASN D 86 37.01 -17.38 -8.64
C ASN D 86 35.80 -17.63 -9.52
N LEU D 87 34.65 -17.83 -8.90
CA LEU D 87 33.42 -18.09 -9.63
C LEU D 87 33.04 -16.95 -10.57
N PHE D 88 33.08 -15.71 -10.07
CA PHE D 88 32.73 -14.56 -10.89
C PHE D 88 33.95 -13.75 -11.33
N SER D 89 34.97 -14.47 -11.79
CA SER D 89 36.21 -13.86 -12.23
C SER D 89 36.01 -12.87 -13.38
N GLU D 90 35.05 -13.15 -14.25
CA GLU D 90 34.77 -12.28 -15.40
C GLU D 90 33.88 -11.08 -15.08
N GLN D 91 33.13 -11.17 -13.99
CA GLN D 91 32.23 -10.08 -13.61
C GLN D 91 32.91 -9.07 -12.69
N GLU D 92 32.25 -7.93 -12.54
CA GLU D 92 32.73 -6.87 -11.68
C GLU D 92 32.25 -7.18 -10.26
N ILE D 93 33.16 -7.14 -9.29
CA ILE D 93 32.79 -7.41 -7.91
C ILE D 93 33.00 -6.17 -7.05
N GLU D 94 31.94 -5.74 -6.37
CA GLU D 94 32.01 -4.55 -5.53
C GLU D 94 31.79 -4.89 -4.05
N TYR D 95 32.62 -4.31 -3.19
CA TYR D 95 32.51 -4.53 -1.75
C TYR D 95 32.03 -3.29 -1.03
N LEU D 96 30.99 -3.45 -0.22
CA LEU D 96 30.42 -2.36 0.56
C LEU D 96 30.44 -2.88 1.99
N SER D 97 30.20 -2.00 2.95
CA SER D 97 30.17 -2.43 4.33
C SER D 97 28.90 -3.26 4.46
N HIS D 98 28.87 -4.17 5.42
CA HIS D 98 27.69 -5.01 5.61
C HIS D 98 26.46 -4.15 5.83
N GLU D 99 26.65 -2.97 6.40
CA GLU D 99 25.55 -2.05 6.66
C GLU D 99 24.93 -1.57 5.36
N GLU D 100 25.76 -1.12 4.43
CA GLU D 100 25.27 -0.66 3.14
C GLU D 100 24.71 -1.84 2.36
N PHE D 101 25.32 -3.00 2.53
CA PHE D 101 24.90 -4.21 1.83
C PHE D 101 23.43 -4.49 2.14
N LYS D 102 23.07 -4.44 3.41
CA LYS D 102 21.69 -4.70 3.83
C LYS D 102 20.68 -3.71 3.26
N LEU D 103 21.05 -2.44 3.20
CA LEU D 103 20.16 -1.42 2.66
C LEU D 103 19.84 -1.76 1.20
N LEU D 104 20.86 -2.24 0.50
CA LEU D 104 20.75 -2.59 -0.90
C LEU D 104 19.76 -3.75 -1.11
N THR D 105 19.65 -4.63 -0.13
CA THR D 105 18.75 -5.78 -0.27
C THR D 105 17.27 -5.40 -0.37
N LYS D 106 16.94 -4.16 -0.04
CA LYS D 106 15.57 -3.69 -0.12
C LYS D 106 15.06 -3.65 -1.56
N ASP D 107 15.98 -3.49 -2.52
CA ASP D 107 15.63 -3.42 -3.93
C ASP D 107 15.66 -4.77 -4.64
N ALA D 108 15.97 -5.83 -3.89
CA ALA D 108 16.05 -7.17 -4.48
C ALA D 108 14.67 -7.74 -4.84
N LYS D 109 14.63 -8.55 -5.88
CA LYS D 109 13.38 -9.17 -6.30
C LYS D 109 13.13 -10.38 -5.39
N ALA D 110 14.21 -10.89 -4.81
CA ALA D 110 14.10 -12.04 -3.91
C ALA D 110 15.37 -12.30 -3.12
N VAL D 111 15.20 -13.00 -2.01
CA VAL D 111 16.31 -13.39 -1.15
C VAL D 111 16.22 -14.90 -1.07
N ILE D 112 17.28 -15.58 -1.48
CA ILE D 112 17.34 -17.04 -1.43
C ILE D 112 18.12 -17.38 -0.16
N ARG D 113 17.45 -18.05 0.76
CA ARG D 113 18.08 -18.41 2.02
C ARG D 113 18.71 -19.80 1.90
N THR D 114 19.99 -19.88 2.23
CA THR D 114 20.72 -21.15 2.19
C THR D 114 20.92 -21.63 3.63
N GLY D 115 21.52 -22.80 3.79
CA GLY D 115 21.76 -23.33 5.12
C GLY D 115 23.14 -22.92 5.65
N GLU D 116 23.80 -21.99 4.96
CA GLU D 116 25.13 -21.54 5.36
C GLU D 116 25.18 -20.92 6.75
N PHE D 117 26.07 -21.47 7.59
CA PHE D 117 26.25 -21.01 8.96
C PHE D 117 27.61 -20.34 9.19
N THR D 118 28.01 -19.47 8.27
CA THR D 118 29.27 -18.75 8.42
C THR D 118 28.98 -17.28 8.14
N PRO D 119 29.69 -16.38 8.85
CA PRO D 119 29.58 -14.92 8.75
C PRO D 119 29.69 -14.29 7.38
N TYR D 120 28.82 -13.31 7.15
CA TYR D 120 28.78 -12.53 5.91
C TYR D 120 28.77 -13.33 4.62
N ALA D 121 28.24 -14.56 4.68
CA ALA D 121 28.15 -15.38 3.49
C ALA D 121 26.89 -14.98 2.69
N ASN D 122 26.93 -13.77 2.13
CA ASN D 122 25.82 -13.24 1.36
C ASN D 122 26.32 -12.44 0.15
N CYS D 123 25.51 -12.36 -0.89
CA CYS D 123 25.89 -11.56 -2.05
C CYS D 123 24.67 -11.19 -2.89
N ILE D 124 24.82 -10.13 -3.67
CA ILE D 124 23.75 -9.69 -4.55
C ILE D 124 24.23 -9.94 -5.98
N LEU D 125 23.42 -10.64 -6.76
CA LEU D 125 23.73 -10.90 -8.15
C LEU D 125 22.88 -9.95 -8.96
N GLN D 126 23.53 -9.12 -9.77
CA GLN D 126 22.82 -8.17 -10.60
C GLN D 126 22.76 -8.67 -12.04
N ALA D 127 21.55 -8.95 -12.51
CA ALA D 127 21.31 -9.48 -13.85
C ALA D 127 21.91 -8.65 -14.98
N GLY D 128 22.53 -9.34 -15.93
CA GLY D 128 23.08 -8.68 -17.09
C GLY D 128 22.09 -8.89 -18.22
N VAL D 129 22.49 -8.65 -19.45
CA VAL D 129 21.58 -8.85 -20.58
C VAL D 129 22.17 -9.84 -21.58
N LEU D 130 21.32 -10.58 -22.29
CA LEU D 130 21.77 -11.59 -23.25
C LEU D 130 22.10 -11.08 -24.66
N PHE D 131 22.02 -9.77 -24.88
CA PHE D 131 22.32 -9.21 -26.18
C PHE D 131 22.80 -7.79 -26.03
N MET E 1 -17.34 -14.08 -30.40
CA MET E 1 -16.01 -13.41 -30.34
C MET E 1 -16.11 -11.92 -30.64
N LYS E 2 -15.13 -11.17 -30.17
CA LYS E 2 -15.04 -9.74 -30.38
C LYS E 2 -14.74 -9.52 -31.87
N LYS E 3 -15.57 -8.72 -32.53
CA LYS E 3 -15.39 -8.45 -33.96
C LYS E 3 -14.29 -7.48 -34.33
N HIS E 4 -14.15 -6.40 -33.56
CA HIS E 4 -13.17 -5.38 -33.87
C HIS E 4 -12.10 -5.18 -32.79
N GLY E 5 -11.08 -4.40 -33.15
CA GLY E 5 -10.00 -4.09 -32.22
C GLY E 5 -8.86 -5.08 -32.18
N ILE E 6 -7.92 -4.82 -31.28
CA ILE E 6 -6.75 -5.68 -31.13
C ILE E 6 -7.19 -7.08 -30.73
N LEU E 7 -6.50 -8.08 -31.26
CA LEU E 7 -6.84 -9.48 -31.01
C LEU E 7 -6.46 -10.01 -29.64
N ASN E 8 -5.32 -9.56 -29.12
CA ASN E 8 -4.85 -10.04 -27.82
C ASN E 8 -5.74 -9.57 -26.69
N SER E 9 -6.25 -10.52 -25.91
CA SER E 9 -7.16 -10.19 -24.81
C SER E 9 -6.56 -9.33 -23.72
N HIS E 10 -5.30 -9.58 -23.35
CA HIS E 10 -4.66 -8.77 -22.30
C HIS E 10 -4.52 -7.33 -22.78
N LEU E 11 -4.02 -7.14 -24.00
CA LEU E 11 -3.84 -5.81 -24.55
C LEU E 11 -5.16 -5.05 -24.72
N ALA E 12 -6.22 -5.76 -25.11
CA ALA E 12 -7.52 -5.14 -25.30
C ALA E 12 -7.99 -4.49 -24.00
N LYS E 13 -7.79 -5.20 -22.88
CA LYS E 13 -8.20 -4.67 -21.59
C LYS E 13 -7.42 -3.43 -21.22
N ILE E 14 -6.14 -3.38 -21.59
CA ILE E 14 -5.32 -2.22 -21.30
C ILE E 14 -5.74 -1.04 -22.17
N LEU E 15 -5.93 -1.29 -23.47
CA LEU E 15 -6.35 -0.21 -24.36
C LEU E 15 -7.71 0.34 -23.95
N ALA E 16 -8.61 -0.54 -23.54
CA ALA E 16 -9.96 -0.14 -23.15
C ALA E 16 -9.95 0.94 -22.06
N ASP E 17 -8.97 0.88 -21.15
CA ASP E 17 -8.91 1.85 -20.06
C ASP E 17 -8.08 3.09 -20.34
N LEU E 18 -7.42 3.15 -21.49
CA LEU E 18 -6.59 4.30 -21.82
C LEU E 18 -7.32 5.63 -21.88
N GLY E 19 -6.74 6.63 -21.20
CA GLY E 19 -7.30 7.96 -21.20
C GLY E 19 -6.24 8.86 -21.81
N HIS E 20 -6.60 10.10 -22.14
CA HIS E 20 -5.66 11.03 -22.73
C HIS E 20 -4.40 11.23 -21.87
N THR E 21 -3.25 10.99 -22.51
CA THR E 21 -1.91 11.10 -21.93
C THR E 21 -1.41 9.86 -21.19
N ASP E 22 -2.25 8.82 -21.07
CA ASP E 22 -1.81 7.59 -20.40
C ASP E 22 -0.73 6.98 -21.30
N LYS E 23 0.19 6.25 -20.70
CA LYS E 23 1.31 5.66 -21.42
C LYS E 23 1.44 4.14 -21.30
N ILE E 24 1.91 3.51 -22.38
CA ILE E 24 2.17 2.08 -22.35
C ILE E 24 3.58 1.92 -22.92
N VAL E 25 4.26 0.83 -22.58
CA VAL E 25 5.62 0.62 -23.05
C VAL E 25 5.73 -0.65 -23.90
N ILE E 26 6.48 -0.56 -25.00
CA ILE E 26 6.75 -1.70 -25.87
C ILE E 26 8.23 -1.89 -25.62
N ALA E 27 8.62 -3.08 -25.19
CA ALA E 27 10.01 -3.31 -24.82
C ALA E 27 10.72 -4.51 -25.40
N ASP E 28 12.05 -4.44 -25.44
CA ASP E 28 12.83 -5.57 -25.93
C ASP E 28 12.85 -6.60 -24.80
N ALA E 29 13.41 -7.77 -25.05
CA ALA E 29 13.44 -8.83 -24.05
C ALA E 29 14.25 -8.54 -22.78
N GLY E 30 15.01 -7.45 -22.78
CA GLY E 30 15.82 -7.17 -21.61
C GLY E 30 15.42 -6.00 -20.72
N LEU E 31 14.50 -5.15 -21.16
CA LEU E 31 14.09 -4.00 -20.35
C LEU E 31 13.55 -4.44 -18.99
N PRO E 32 14.00 -3.81 -17.90
CA PRO E 32 13.47 -4.21 -16.59
C PRO E 32 12.11 -3.56 -16.39
N VAL E 33 11.19 -4.25 -15.72
CA VAL E 33 9.86 -3.72 -15.48
C VAL E 33 9.74 -3.21 -14.04
N PRO E 34 9.41 -1.92 -13.86
CA PRO E 34 9.29 -1.38 -12.51
C PRO E 34 8.24 -2.12 -11.69
N ASP E 35 8.45 -2.18 -10.38
CA ASP E 35 7.50 -2.84 -9.49
C ASP E 35 6.18 -2.11 -9.55
N GLY E 36 5.08 -2.87 -9.63
CA GLY E 36 3.77 -2.24 -9.70
C GLY E 36 3.26 -2.02 -11.09
N VAL E 37 4.10 -2.20 -12.10
CA VAL E 37 3.66 -2.01 -13.48
C VAL E 37 3.31 -3.36 -14.07
N LEU E 38 2.12 -3.45 -14.65
CA LEU E 38 1.66 -4.68 -15.27
C LEU E 38 2.56 -5.06 -16.43
N LYS E 39 2.90 -6.33 -16.50
CA LYS E 39 3.77 -6.84 -17.56
C LYS E 39 3.03 -7.87 -18.41
N ILE E 40 2.91 -7.59 -19.70
CA ILE E 40 2.26 -8.52 -20.62
C ILE E 40 3.39 -9.02 -21.52
N ASP E 41 3.71 -10.30 -21.40
CA ASP E 41 4.80 -10.89 -22.15
C ASP E 41 4.31 -11.64 -23.38
N LEU E 42 4.61 -11.12 -24.57
CA LEU E 42 4.19 -11.76 -25.81
C LEU E 42 5.29 -12.58 -26.46
N SER E 43 6.50 -12.53 -25.90
CA SER E 43 7.63 -13.25 -26.47
C SER E 43 7.41 -14.75 -26.57
N LEU E 44 7.96 -15.34 -27.63
CA LEU E 44 7.87 -16.78 -27.86
C LEU E 44 9.29 -17.33 -27.93
N LYS E 45 10.15 -16.60 -28.63
CA LYS E 45 11.55 -16.95 -28.79
C LYS E 45 12.24 -15.71 -29.33
N PRO E 46 13.58 -15.66 -29.29
CA PRO E 46 14.29 -14.49 -29.81
C PRO E 46 13.78 -14.00 -31.16
N GLY E 47 13.43 -12.72 -31.23
CA GLY E 47 12.95 -12.15 -32.47
C GLY E 47 11.47 -12.41 -32.77
N LEU E 48 10.78 -13.14 -31.92
CA LEU E 48 9.37 -13.40 -32.15
C LEU E 48 8.52 -13.21 -30.89
N PRO E 49 7.64 -12.19 -30.88
CA PRO E 49 7.48 -11.28 -32.01
C PRO E 49 8.53 -10.19 -32.00
N ALA E 50 8.69 -9.51 -33.13
CA ALA E 50 9.67 -8.45 -33.24
C ALA E 50 9.12 -7.12 -32.79
N PHE E 51 10.03 -6.21 -32.42
CA PHE E 51 9.65 -4.88 -31.97
C PHE E 51 8.76 -4.22 -33.03
N GLN E 52 9.23 -4.25 -34.28
CA GLN E 52 8.51 -3.66 -35.40
C GLN E 52 7.10 -4.19 -35.56
N ASP E 53 6.93 -5.50 -35.49
CA ASP E 53 5.62 -6.09 -35.63
C ASP E 53 4.66 -5.62 -34.52
N THR E 54 5.14 -5.63 -33.29
CA THR E 54 4.33 -5.22 -32.15
C THR E 54 3.95 -3.74 -32.23
N ALA E 55 4.94 -2.89 -32.48
CA ALA E 55 4.71 -1.45 -32.59
C ALA E 55 3.70 -1.12 -33.70
N ALA E 56 3.77 -1.88 -34.80
CA ALA E 56 2.87 -1.65 -35.93
C ALA E 56 1.43 -1.97 -35.57
N VAL E 57 1.21 -3.09 -34.88
CA VAL E 57 -0.14 -3.48 -34.48
C VAL E 57 -0.73 -2.44 -33.53
N LEU E 58 0.06 -1.97 -32.57
CA LEU E 58 -0.42 -0.98 -31.61
C LEU E 58 -0.73 0.37 -32.25
N ALA E 59 0.10 0.75 -33.22
CA ALA E 59 -0.08 2.02 -33.92
C ALA E 59 -1.47 2.07 -34.59
N GLU E 60 -1.93 0.93 -35.08
CA GLU E 60 -3.22 0.89 -35.75
C GLU E 60 -4.42 0.72 -34.81
N GLU E 61 -4.18 0.33 -33.57
CA GLU E 61 -5.28 0.12 -32.63
C GLU E 61 -5.40 1.18 -31.54
N MET E 62 -4.40 2.03 -31.44
CA MET E 62 -4.37 3.05 -30.41
C MET E 62 -4.08 4.42 -31.01
N ALA E 63 -4.69 5.45 -30.45
CA ALA E 63 -4.43 6.81 -30.91
C ALA E 63 -3.22 7.34 -30.14
N VAL E 64 -2.12 7.55 -30.86
CA VAL E 64 -0.88 8.02 -30.25
C VAL E 64 -0.58 9.48 -30.57
N GLU E 65 -0.44 10.31 -29.53
CA GLU E 65 -0.14 11.73 -29.74
C GLU E 65 1.36 11.99 -29.60
N LYS E 66 2.07 11.06 -28.99
CA LYS E 66 3.50 11.23 -28.80
C LYS E 66 4.22 9.92 -28.57
N VAL E 67 5.46 9.86 -29.03
CA VAL E 67 6.30 8.68 -28.87
C VAL E 67 7.58 9.12 -28.17
N ILE E 68 8.01 8.34 -27.18
CA ILE E 68 9.24 8.66 -26.46
C ILE E 68 10.17 7.48 -26.60
N ALA E 69 11.44 7.75 -26.90
CA ALA E 69 12.44 6.70 -27.07
C ALA E 69 13.79 7.16 -26.53
N ALA E 70 14.70 6.20 -26.33
CA ALA E 70 16.04 6.51 -25.82
C ALA E 70 17.00 6.92 -26.94
N ALA E 71 17.71 8.02 -26.72
CA ALA E 71 18.68 8.53 -27.70
C ALA E 71 19.61 7.43 -28.21
N GLU E 72 20.01 6.53 -27.32
CA GLU E 72 20.92 5.45 -27.68
C GLU E 72 20.44 4.57 -28.83
N ILE E 73 19.15 4.55 -29.10
CA ILE E 73 18.63 3.69 -30.18
C ILE E 73 19.17 4.14 -31.54
N LYS E 74 19.37 5.44 -31.71
CA LYS E 74 19.89 5.98 -32.96
C LYS E 74 21.34 5.53 -33.18
N ALA E 75 22.05 5.21 -32.10
CA ALA E 75 23.43 4.78 -32.19
C ALA E 75 23.63 3.29 -32.36
N SER E 76 22.98 2.51 -31.50
CA SER E 76 23.13 1.06 -31.54
C SER E 76 22.04 0.28 -32.27
N ASN E 77 21.03 0.95 -32.81
CA ASN E 77 19.95 0.22 -33.49
C ASN E 77 19.25 1.07 -34.54
N GLN E 78 20.04 1.58 -35.49
CA GLN E 78 19.52 2.43 -36.57
C GLN E 78 18.32 1.84 -37.29
N GLU E 79 18.34 0.53 -37.52
CA GLU E 79 17.24 -0.14 -38.22
C GLU E 79 15.90 0.19 -37.57
N ASN E 80 15.76 -0.15 -36.29
CA ASN E 80 14.52 0.09 -35.56
C ASN E 80 14.24 1.57 -35.36
N ALA E 81 15.29 2.37 -35.26
CA ALA E 81 15.14 3.82 -35.09
C ALA E 81 14.46 4.42 -36.31
N LYS E 82 14.85 3.97 -37.50
CA LYS E 82 14.24 4.47 -38.73
C LYS E 82 12.79 4.02 -38.82
N PHE E 83 12.56 2.77 -38.47
CA PHE E 83 11.21 2.21 -38.49
C PHE E 83 10.27 3.09 -37.70
N LEU E 84 10.70 3.46 -36.50
CA LEU E 84 9.91 4.28 -35.59
C LEU E 84 9.64 5.68 -36.15
N GLU E 85 10.67 6.30 -36.73
CA GLU E 85 10.52 7.63 -37.30
C GLU E 85 9.50 7.59 -38.43
N ASN E 86 9.56 6.52 -39.23
CA ASN E 86 8.64 6.35 -40.35
C ASN E 86 7.21 6.03 -39.90
N LEU E 87 7.09 5.04 -39.03
CA LEU E 87 5.78 4.63 -38.52
C LEU E 87 5.01 5.78 -37.89
N PHE E 88 5.68 6.59 -37.08
CA PHE E 88 5.02 7.72 -36.42
C PHE E 88 5.44 9.07 -36.98
N SER E 89 5.40 9.20 -38.30
CA SER E 89 5.79 10.43 -38.97
C SER E 89 4.94 11.63 -38.55
N GLU E 90 3.65 11.38 -38.34
CA GLU E 90 2.73 12.46 -37.94
C GLU E 90 2.84 12.81 -36.45
N GLN E 91 3.34 11.89 -35.64
CA GLN E 91 3.45 12.15 -34.20
C GLN E 91 4.77 12.77 -33.76
N GLU E 92 4.72 13.40 -32.60
CA GLU E 92 5.90 14.02 -31.99
C GLU E 92 6.76 12.92 -31.39
N ILE E 93 8.03 12.86 -31.80
CA ILE E 93 8.93 11.86 -31.26
C ILE E 93 10.02 12.54 -30.44
N GLU E 94 10.14 12.14 -29.19
CA GLU E 94 11.14 12.72 -28.32
C GLU E 94 12.19 11.73 -27.88
N TYR E 95 13.45 12.16 -27.92
CA TYR E 95 14.55 11.30 -27.49
C TYR E 95 15.11 11.75 -26.16
N LEU E 96 15.27 10.80 -25.25
CA LEU E 96 15.81 11.08 -23.94
C LEU E 96 16.92 10.08 -23.72
N SER E 97 17.68 10.26 -22.64
CA SER E 97 18.74 9.31 -22.34
C SER E 97 18.04 8.04 -21.87
N HIS E 98 18.66 6.89 -22.10
CA HIS E 98 18.06 5.63 -21.68
C HIS E 98 17.74 5.65 -20.18
N GLU E 99 18.56 6.35 -19.40
CA GLU E 99 18.35 6.44 -17.96
C GLU E 99 17.03 7.13 -17.63
N GLU E 100 16.79 8.28 -18.25
CA GLU E 100 15.55 9.02 -17.99
C GLU E 100 14.38 8.20 -18.53
N PHE E 101 14.59 7.55 -19.68
CA PHE E 101 13.56 6.72 -20.29
C PHE E 101 13.05 5.68 -19.29
N LYS E 102 13.97 4.97 -18.65
CA LYS E 102 13.59 3.96 -17.65
C LYS E 102 12.79 4.57 -16.51
N LEU E 103 13.16 5.77 -16.09
CA LEU E 103 12.45 6.46 -15.02
C LEU E 103 10.99 6.64 -15.40
N LEU E 104 10.75 7.09 -16.63
CA LEU E 104 9.40 7.32 -17.12
C LEU E 104 8.53 6.07 -17.18
N THR E 105 9.14 4.91 -17.36
CA THR E 105 8.37 3.67 -17.43
C THR E 105 7.64 3.36 -16.12
N LYS E 106 8.02 4.01 -15.04
CA LYS E 106 7.38 3.81 -13.74
C LYS E 106 5.92 4.30 -13.79
N ASP E 107 5.64 5.23 -14.71
CA ASP E 107 4.30 5.79 -14.85
C ASP E 107 3.43 5.11 -15.89
N ALA E 108 3.95 4.08 -16.55
CA ALA E 108 3.19 3.37 -17.57
C ALA E 108 2.08 2.50 -17.00
N LYS E 109 1.03 2.26 -17.80
CA LYS E 109 -0.09 1.42 -17.38
C LYS E 109 0.29 -0.03 -17.62
N ALA E 110 1.28 -0.24 -18.48
CA ALA E 110 1.74 -1.60 -18.78
C ALA E 110 3.00 -1.58 -19.62
N VAL E 111 3.71 -2.70 -19.60
CA VAL E 111 4.90 -2.86 -20.38
C VAL E 111 4.66 -4.12 -21.18
N ILE E 112 4.73 -4.00 -22.50
CA ILE E 112 4.51 -5.14 -23.38
C ILE E 112 5.90 -5.65 -23.77
N ARG E 113 6.20 -6.87 -23.35
CA ARG E 113 7.50 -7.46 -23.63
C ARG E 113 7.48 -8.25 -24.94
N THR E 114 8.37 -7.89 -25.86
CA THR E 114 8.45 -8.58 -27.15
C THR E 114 9.65 -9.52 -27.11
N GLY E 115 9.91 -10.20 -28.22
CA GLY E 115 11.05 -11.11 -28.26
C GLY E 115 12.28 -10.48 -28.88
N GLU E 116 12.24 -9.16 -29.06
CA GLU E 116 13.33 -8.40 -29.66
C GLU E 116 14.66 -8.48 -28.92
N PHE E 117 15.66 -9.06 -29.57
CA PHE E 117 17.00 -9.21 -29.00
C PHE E 117 18.01 -8.20 -29.52
N THR E 118 17.59 -6.94 -29.64
CA THR E 118 18.48 -5.87 -30.08
C THR E 118 18.38 -4.76 -29.05
N PRO E 119 19.48 -4.04 -28.79
CA PRO E 119 19.57 -2.94 -27.82
C PRO E 119 18.68 -1.73 -28.04
N TYR E 120 18.17 -1.21 -26.92
CA TYR E 120 17.33 -0.03 -26.88
C TYR E 120 16.10 -0.02 -27.78
N ALA E 121 15.60 -1.20 -28.09
CA ALA E 121 14.40 -1.33 -28.91
C ALA E 121 13.20 -1.22 -27.94
N ASN E 122 13.01 -0.01 -27.41
CA ASN E 122 11.93 0.28 -26.48
C ASN E 122 11.36 1.65 -26.81
N CYS E 123 10.07 1.82 -26.56
CA CYS E 123 9.44 3.10 -26.78
C CYS E 123 8.22 3.24 -25.88
N ILE E 124 7.87 4.47 -25.58
CA ILE E 124 6.70 4.75 -24.77
C ILE E 124 5.68 5.40 -25.70
N LEU E 125 4.48 4.85 -25.75
CA LEU E 125 3.41 5.41 -26.57
C LEU E 125 2.46 6.13 -25.64
N GLN E 126 2.30 7.43 -25.86
CA GLN E 126 1.40 8.26 -25.04
C GLN E 126 0.08 8.44 -25.78
N ALA E 127 -0.99 7.99 -25.14
CA ALA E 127 -2.34 8.04 -25.70
C ALA E 127 -2.86 9.42 -26.08
N GLY E 128 -3.50 9.50 -27.24
CA GLY E 128 -4.07 10.75 -27.69
C GLY E 128 -5.55 10.73 -27.38
N VAL E 129 -6.33 11.61 -28.01
CA VAL E 129 -7.77 11.63 -27.76
C VAL E 129 -8.51 11.59 -29.10
N LEU E 130 -9.66 10.93 -29.11
CA LEU E 130 -10.45 10.77 -30.34
C LEU E 130 -11.33 11.96 -30.75
N PHE E 131 -11.37 13.00 -29.93
CA PHE E 131 -12.16 14.18 -30.24
C PHE E 131 -11.43 15.41 -29.71
CL CL F . -30.37 4.51 -2.69
C1 RP5 G . -8.88 14.80 -21.42
O4 RP5 G . -8.31 15.46 -22.52
C2 RP5 G . -10.39 15.08 -21.52
O2 RP5 G . -10.98 14.16 -22.42
C3 RP5 G . -10.42 16.47 -22.13
O3 RP5 G . -11.64 16.61 -22.82
C4 RP5 G . -9.17 16.47 -23.03
C5 RP5 G . -8.45 17.84 -23.02
O5 RP5 G . -7.26 17.82 -23.86
P' RP5 G . -7.50 18.15 -25.39
O1X RP5 G . -6.21 18.10 -26.10
O2X RP5 G . -8.44 17.09 -26.00
O3X RP5 G . -8.13 19.53 -25.55
O1 RP5 G . -8.29 15.39 -20.30
C1 RP5 H . -19.83 17.27 8.55
O4 RP5 H . -20.33 18.51 8.08
C2 RP5 H . -20.66 16.92 9.78
O2 RP5 H . -21.87 16.30 9.37
C3 RP5 H . -20.97 18.31 10.35
O3 RP5 H . -22.19 18.21 11.07
C4 RP5 H . -21.04 19.19 9.09
C5 RP5 H . -20.42 20.58 9.32
O5 RP5 H . -20.50 21.37 8.12
P' RP5 H . -21.63 22.47 8.13
O1X RP5 H . -21.62 23.20 6.85
O2X RP5 H . -23.00 21.79 8.31
O3X RP5 H . -21.40 23.46 9.27
O1 RP5 H . -18.49 17.53 8.86
C1 RP5 I . 0.25 1.38 27.61
O4 RP5 I . -0.17 2.23 28.65
C2 RP5 I . 0.83 0.15 28.28
O2 RP5 I . -0.22 -0.73 28.65
C3 RP5 I . 1.43 0.75 29.56
O3 RP5 I . 1.44 -0.27 30.54
C4 RP5 I . 0.49 1.92 29.87
C5 RP5 I . 1.23 3.15 30.41
O5 RP5 I . 0.27 4.20 30.66
P' RP5 I . -0.14 4.40 32.18
O1X RP5 I . -1.11 5.51 32.30
O2X RP5 I . -0.78 3.10 32.70
O3X RP5 I . 1.09 4.74 33.03
O1 RP5 I . 1.23 2.12 26.91
CL CL J . 13.24 -21.95 -17.13
C1 RP5 K . 23.35 -11.19 9.43
O4 RP5 K . 24.17 -11.09 10.58
C2 RP5 K . 24.07 -12.18 8.51
O2 RP5 K . 23.78 -13.50 8.94
C3 RP5 K . 25.53 -11.86 8.80
O3 RP5 K . 26.30 -13.01 8.47
C4 RP5 K . 25.51 -11.48 10.29
C5 RP5 K . 26.47 -10.33 10.63
O5 RP5 K . 26.37 -10.02 12.05
P' RP5 K . 27.67 -10.38 12.91
O1X RP5 K . 27.43 -10.02 14.32
O2X RP5 K . 27.94 -11.88 12.80
O3X RP5 K . 28.87 -9.59 12.40
O1 RP5 K . 23.31 -9.89 8.89
C1 RP5 L . 17.94 -2.95 -21.05
O4 RP5 L . 19.33 -2.93 -21.29
C2 RP5 L . 17.30 -3.06 -22.42
O2 RP5 L . 17.31 -4.40 -22.86
C3 RP5 L . 18.27 -2.25 -23.28
O3 RP5 L . 18.16 -2.73 -24.61
C4 RP5 L . 19.63 -2.52 -22.61
C5 RP5 L . 20.52 -1.26 -22.59
O5 RP5 L . 21.79 -1.55 -21.95
P' RP5 L . 22.28 -0.44 -20.92
O1X RP5 L . 23.58 -0.84 -20.32
O2X RP5 L . 22.48 0.89 -21.64
O3X RP5 L . 21.26 -0.23 -19.78
O1 RP5 L . 17.67 -1.74 -20.41
#